data_9D5K
#
_entry.id   9D5K
#
_cell.length_a   174.775
_cell.length_b   63.112
_cell.length_c   141.064
_cell.angle_alpha   90.000
_cell.angle_beta   118.538
_cell.angle_gamma   90.000
#
_symmetry.space_group_name_H-M   'C 1 2 1'
#
loop_
_entity.id
_entity.type
_entity.pdbx_description
1 polymer 'Isoform 4 of Double-stranded RNA-specific editase 1'
2 polymer 'RNA Top Strand'
3 polymer 'RNA Bottom Strand'
4 non-polymer 'INOSITOL HEXAKISPHOSPHATE'
5 non-polymer 'ZINC ION'
6 non-polymer 'MAGNESIUM ION'
7 water water
#
loop_
_entity_poly.entity_id
_entity_poly.type
_entity_poly.pdbx_seq_one_letter_code
_entity_poly.pdbx_strand_id
1 'polypeptide(L)'
;ASLAQPPLPVLPPFPPPSGKNPVMILNELRPGLKYDFLSESGESHAKSFVMSVVVDGQFFEGSGRNKKLAKARAAQSALA
AIFNLHLDQTPSRQPIPSEGLQLHLPQVLADAVSRLVLGKFGDLTDNFSSPHARRKVLAGVVMTTGTDVKDAKVISVSTG
TKCINGEYMSDRGLALNDCHAEIISRRSLLRFLYTQLELYLNNKDDQKRSIFQKSERGGFRLKENVQFHLYISTSPCGDA
RIFSPHEPILEEPADRHPNRKARGQLRTKIESGQGTIPVRSNASIQTWDGVLQGERLLTMSCSDKIARWNVVGIQGSLLS
IFVEPIYFSSIILGSLYHGDHLSRAMYQRISNIEDLPPLYTLNKPLLSGISNAEARQPGKAPNFSVNWTVGDSAIEVINA
TTGKDELGRASRLCKHALYCRWMRVHGKVPSHLLRSKITKPNVYHESKLAAKEYQAAKARLFTAFIKAGLGAWVEKPTEQ
DQFSLTP
;
A,B
2 'polyribonucleotide' GCUCGCGAUGCG(8AZ)GAGGGCUCUGAUAGCUACG C
3 'polydeoxyribonucleotide/polyribonucleotide hybrid' CGUAGCUAUCAGAGCCCCCC(A1BBA)GCAUCGCGAGC D
#
# COMPACT_ATOMS: atom_id res chain seq x y z
N GLN A 102 -28.28 -43.35 -7.54
CA GLN A 102 -28.59 -43.41 -6.11
C GLN A 102 -29.26 -42.13 -5.61
N LEU A 103 -30.60 -42.09 -5.67
CA LEU A 103 -31.33 -40.93 -5.18
C LEU A 103 -31.18 -40.89 -3.66
N HIS A 104 -30.93 -39.69 -3.12
CA HIS A 104 -30.49 -39.59 -1.73
C HIS A 104 -31.09 -38.38 -1.02
N LEU A 105 -31.23 -38.50 0.30
CA LEU A 105 -31.56 -37.33 1.09
C LEU A 105 -30.36 -36.36 1.00
N PRO A 106 -30.60 -35.05 1.02
CA PRO A 106 -29.45 -34.11 0.98
C PRO A 106 -28.39 -34.37 2.06
N GLN A 107 -28.79 -34.93 3.20
CA GLN A 107 -27.81 -35.22 4.25
C GLN A 107 -26.78 -36.25 3.80
N VAL A 108 -27.20 -37.23 2.99
CA VAL A 108 -26.21 -38.19 2.51
C VAL A 108 -25.28 -37.52 1.51
N LEU A 109 -25.81 -36.61 0.67
CA LEU A 109 -24.96 -35.88 -0.26
C LEU A 109 -23.88 -35.12 0.49
N ALA A 110 -24.26 -34.47 1.59
CA ALA A 110 -23.29 -33.72 2.38
C ALA A 110 -22.26 -34.64 3.01
N ASP A 111 -22.70 -35.70 3.68
CA ASP A 111 -21.75 -36.62 4.30
C ASP A 111 -20.82 -37.22 3.26
N ALA A 112 -21.35 -37.49 2.07
CA ALA A 112 -20.53 -38.01 1.00
C ALA A 112 -19.41 -37.04 0.61
N VAL A 113 -19.77 -35.77 0.33
CA VAL A 113 -18.72 -34.85 -0.12
C VAL A 113 -17.70 -34.66 0.99
N SER A 114 -18.19 -34.63 2.22
CA SER A 114 -17.28 -34.51 3.34
C SER A 114 -16.25 -35.64 3.30
N ARG A 115 -16.74 -36.88 3.24
CA ARG A 115 -15.84 -38.01 3.22
CA ARG A 115 -15.88 -38.06 3.16
C ARG A 115 -14.85 -37.90 2.06
N LEU A 116 -15.34 -37.51 0.87
CA LEU A 116 -14.50 -37.44 -0.31
C LEU A 116 -13.35 -36.46 -0.13
N VAL A 117 -13.66 -35.24 0.32
CA VAL A 117 -12.60 -34.25 0.43
C VAL A 117 -11.61 -34.67 1.50
N LEU A 118 -12.11 -35.23 2.61
CA LEU A 118 -11.25 -35.74 3.68
C LEU A 118 -10.27 -36.79 3.17
N GLY A 119 -10.79 -37.82 2.49
CA GLY A 119 -9.94 -38.90 2.03
C GLY A 119 -8.93 -38.42 1.01
N LYS A 120 -9.35 -37.52 0.11
CA LYS A 120 -8.39 -36.98 -0.82
C LYS A 120 -7.29 -36.26 -0.06
N PHE A 121 -7.65 -35.51 0.99
CA PHE A 121 -6.60 -34.81 1.72
C PHE A 121 -5.65 -35.81 2.37
N GLY A 122 -6.20 -36.87 2.96
CA GLY A 122 -5.34 -37.89 3.54
C GLY A 122 -4.42 -38.50 2.52
N ASP A 123 -4.96 -38.88 1.36
CA ASP A 123 -4.14 -39.49 0.34
C ASP A 123 -3.00 -38.56 -0.03
N LEU A 124 -3.29 -37.28 -0.15
CA LEU A 124 -2.20 -36.37 -0.51
C LEU A 124 -1.21 -36.20 0.62
N THR A 125 -1.63 -36.44 1.86
CA THR A 125 -0.76 -36.22 2.99
C THR A 125 -0.32 -37.55 3.62
N ASP A 126 -0.17 -38.57 2.77
CA ASP A 126 0.24 -39.92 3.14
C ASP A 126 -0.38 -40.34 4.47
N ASN A 127 -1.72 -40.35 4.45
CA ASN A 127 -2.54 -40.68 5.60
C ASN A 127 -2.31 -39.71 6.76
N PHE A 128 -2.44 -38.42 6.46
CA PHE A 128 -2.46 -37.33 7.43
C PHE A 128 -1.20 -37.30 8.28
N SER A 129 -0.20 -38.06 7.89
CA SER A 129 1.02 -38.16 8.66
C SER A 129 2.09 -37.19 8.22
N SER A 130 1.96 -36.59 7.04
CA SER A 130 2.94 -35.58 6.67
C SER A 130 2.70 -34.32 7.46
N PRO A 131 3.73 -33.52 7.69
CA PRO A 131 3.52 -32.28 8.45
C PRO A 131 2.59 -31.31 7.74
N HIS A 132 2.35 -31.51 6.46
CA HIS A 132 1.45 -30.66 5.70
C HIS A 132 0.00 -31.01 5.94
N ALA A 133 -0.24 -32.11 6.67
CA ALA A 133 -1.57 -32.43 7.16
C ALA A 133 -2.00 -31.51 8.28
N ARG A 134 -1.04 -30.85 8.91
CA ARG A 134 -1.26 -29.98 10.04
C ARG A 134 -2.08 -28.77 9.58
N ARG A 135 -3.39 -28.74 9.90
CA ARG A 135 -4.25 -27.68 9.39
C ARG A 135 -5.36 -27.31 10.38
N LYS A 136 -5.73 -26.04 10.41
CA LYS A 136 -6.97 -25.72 11.12
C LYS A 136 -8.21 -25.85 10.27
N VAL A 137 -8.15 -25.55 8.95
CA VAL A 137 -9.34 -25.57 8.10
C VAL A 137 -9.09 -26.26 6.75
N LEU A 138 -10.06 -27.06 6.33
CA LEU A 138 -9.99 -27.77 5.08
C LEU A 138 -11.20 -27.43 4.21
N ALA A 139 -10.95 -27.23 2.91
CA ALA A 139 -11.99 -26.97 1.91
C ALA A 139 -11.81 -27.88 0.71
N GLY A 140 -12.91 -28.04 -0.02
CA GLY A 140 -12.85 -28.89 -1.18
C GLY A 140 -13.99 -28.58 -2.11
N VAL A 141 -13.76 -28.91 -3.39
CA VAL A 141 -14.78 -28.91 -4.42
C VAL A 141 -15.00 -30.34 -4.83
N VAL A 142 -16.25 -30.69 -5.10
CA VAL A 142 -16.58 -32.03 -5.55
C VAL A 142 -17.55 -31.91 -6.73
N MET A 143 -17.28 -32.64 -7.81
CA MET A 143 -18.14 -32.61 -8.99
C MET A 143 -19.00 -33.86 -9.08
N THR A 144 -20.22 -33.69 -9.53
CA THR A 144 -21.09 -34.82 -9.77
C THR A 144 -21.59 -34.77 -11.21
N THR A 145 -21.82 -35.96 -11.76
CA THR A 145 -22.27 -36.16 -13.12
C THR A 145 -23.49 -37.07 -13.17
N GLY A 146 -23.88 -37.63 -12.03
CA GLY A 146 -25.01 -38.54 -11.92
C GLY A 146 -25.30 -38.76 -10.45
N THR A 147 -26.54 -39.09 -10.09
CA THR A 147 -26.89 -39.19 -8.66
C THR A 147 -26.12 -40.29 -7.95
N ASP A 148 -25.65 -41.29 -8.69
CA ASP A 148 -24.95 -42.40 -8.04
C ASP A 148 -23.60 -41.99 -7.48
N VAL A 149 -23.21 -42.67 -6.40
CA VAL A 149 -21.96 -42.43 -5.69
C VAL A 149 -20.76 -42.57 -6.62
N LYS A 150 -20.87 -43.40 -7.65
CA LYS A 150 -19.77 -43.50 -8.60
C LYS A 150 -19.54 -42.16 -9.29
N ASP A 151 -20.61 -41.43 -9.56
CA ASP A 151 -20.52 -40.19 -10.33
C ASP A 151 -20.17 -39.01 -9.44
N ALA A 152 -19.04 -39.13 -8.73
CA ALA A 152 -18.63 -38.07 -7.82
C ALA A 152 -17.12 -38.03 -7.76
N LYS A 153 -16.53 -36.88 -8.01
CA LYS A 153 -15.08 -36.79 -8.07
C LYS A 153 -14.62 -35.50 -7.42
N VAL A 154 -13.54 -35.60 -6.63
CA VAL A 154 -12.99 -34.45 -5.91
C VAL A 154 -12.19 -33.55 -6.86
N ILE A 155 -12.68 -32.34 -7.10
CA ILE A 155 -11.99 -31.48 -8.06
C ILE A 155 -10.76 -30.85 -7.43
N SER A 156 -10.89 -30.35 -6.21
CA SER A 156 -9.74 -29.76 -5.56
C SER A 156 -9.88 -29.85 -4.04
N VAL A 157 -8.73 -29.63 -3.36
CA VAL A 157 -8.56 -29.70 -1.92
C VAL A 157 -7.62 -28.58 -1.50
N SER A 158 -7.89 -27.96 -0.34
CA SER A 158 -7.07 -26.83 0.14
C SER A 158 -7.26 -26.66 1.64
N THR A 159 -6.31 -25.94 2.25
CA THR A 159 -6.33 -25.61 3.68
C THR A 159 -5.83 -24.18 3.89
N GLY A 160 -6.18 -23.58 5.02
CA GLY A 160 -5.64 -22.26 5.32
C GLY A 160 -6.60 -21.32 6.02
N THR A 161 -6.02 -20.38 6.78
CA THR A 161 -6.77 -19.44 7.60
C THR A 161 -6.09 -18.09 7.61
N LYS A 162 -5.22 -17.82 6.66
CA LYS A 162 -4.51 -16.55 6.69
C LYS A 162 -4.51 -15.87 5.31
N CYS A 163 -4.05 -14.62 5.34
CA CYS A 163 -4.04 -13.65 4.27
C CYS A 163 -2.70 -12.96 4.34
N ILE A 164 -2.35 -12.27 3.28
CA ILE A 164 -1.03 -11.70 3.08
C ILE A 164 -0.73 -10.50 4.00
N ASN A 165 0.53 -10.40 4.38
CA ASN A 165 1.06 -9.13 4.85
C ASN A 165 1.08 -8.10 3.73
N GLY A 166 0.64 -6.88 4.04
CA GLY A 166 0.55 -5.81 3.06
C GLY A 166 1.88 -5.39 2.44
N GLU A 167 2.98 -5.66 3.10
CA GLU A 167 4.31 -5.28 2.64
C GLU A 167 4.77 -6.11 1.45
N TYR A 168 4.06 -7.21 1.19
CA TYR A 168 4.42 -8.27 0.27
C TYR A 168 3.49 -8.39 -0.93
N MET A 169 2.63 -7.40 -1.17
CA MET A 169 1.74 -7.43 -2.34
C MET A 169 2.53 -7.33 -3.64
N SER A 170 2.23 -8.20 -4.60
CA SER A 170 2.94 -8.21 -5.88
C SER A 170 2.27 -7.30 -6.91
N ASP A 171 3.09 -6.39 -7.49
CA ASP A 171 2.67 -5.54 -8.61
C ASP A 171 2.80 -6.26 -9.94
N ARG A 172 2.91 -7.57 -9.93
CA ARG A 172 3.05 -8.40 -11.10
C ARG A 172 2.27 -9.69 -10.93
N GLY A 173 1.18 -9.67 -10.18
CA GLY A 173 0.26 -10.80 -10.13
C GLY A 173 0.84 -12.09 -9.60
N LEU A 174 1.90 -12.02 -8.75
CA LEU A 174 2.70 -13.19 -8.31
C LEU A 174 2.47 -13.70 -6.89
N ALA A 175 1.67 -13.02 -6.07
CA ALA A 175 1.49 -13.39 -4.67
C ALA A 175 0.02 -13.68 -4.38
N LEU A 176 -0.27 -14.65 -3.53
CA LEU A 176 -1.66 -14.94 -3.19
C LEU A 176 -2.11 -14.04 -2.05
N ASN A 177 -3.24 -13.35 -2.27
CA ASN A 177 -3.82 -12.40 -1.32
C ASN A 177 -4.45 -13.06 -0.10
N ASP A 178 -5.13 -14.17 -0.34
CA ASP A 178 -6.10 -14.70 0.59
C ASP A 178 -5.93 -16.21 0.55
N CYS A 179 -5.43 -16.82 1.61
CA CYS A 179 -5.41 -18.28 1.67
C CYS A 179 -6.44 -18.87 2.63
N HIS A 180 -7.55 -18.20 2.90
CA HIS A 180 -8.62 -18.95 3.51
C HIS A 180 -8.97 -20.13 2.59
N ALA A 181 -9.31 -21.27 3.18
CA ALA A 181 -9.34 -22.49 2.42
C ALA A 181 -10.34 -22.43 1.26
N GLU A 182 -11.55 -21.94 1.49
CA GLU A 182 -12.56 -21.95 0.43
C GLU A 182 -12.21 -20.97 -0.72
N ILE A 183 -11.56 -19.83 -0.41
CA ILE A 183 -10.98 -18.99 -1.47
C ILE A 183 -10.04 -19.81 -2.39
N ILE A 184 -9.06 -20.49 -1.76
CA ILE A 184 -8.06 -21.31 -2.44
C ILE A 184 -8.70 -22.47 -3.19
N SER A 185 -9.70 -23.10 -2.62
CA SER A 185 -10.34 -24.19 -3.33
C SER A 185 -10.99 -23.68 -4.62
N ARG A 186 -11.57 -22.47 -4.60
CA ARG A 186 -12.13 -22.00 -5.85
C ARG A 186 -11.04 -21.78 -6.87
N ARG A 187 -9.93 -21.20 -6.45
CA ARG A 187 -8.85 -21.02 -7.40
C ARG A 187 -8.39 -22.37 -7.97
N SER A 188 -8.32 -23.40 -7.16
CA SER A 188 -8.04 -24.69 -7.74
C SER A 188 -9.12 -25.13 -8.74
N LEU A 189 -10.39 -24.75 -8.51
CA LEU A 189 -11.45 -25.10 -9.45
C LEU A 189 -11.20 -24.44 -10.80
N LEU A 190 -10.79 -23.18 -10.76
CA LEU A 190 -10.46 -22.45 -11.98
C LEU A 190 -9.38 -23.19 -12.78
N ARG A 191 -8.39 -23.78 -12.09
CA ARG A 191 -7.34 -24.48 -12.81
C ARG A 191 -7.89 -25.72 -13.51
N PHE A 192 -8.77 -26.42 -12.84
CA PHE A 192 -9.42 -27.52 -13.54
C PHE A 192 -10.29 -27.00 -14.68
N LEU A 193 -10.95 -25.87 -14.48
CA LEU A 193 -11.80 -25.36 -15.55
C LEU A 193 -11.01 -25.10 -16.82
N TYR A 194 -9.86 -24.43 -16.68
CA TYR A 194 -9.02 -24.18 -17.85
C TYR A 194 -8.59 -25.50 -18.47
N THR A 195 -8.20 -26.45 -17.63
CA THR A 195 -7.76 -27.71 -18.19
C THR A 195 -8.86 -28.36 -19.03
N GLN A 196 -10.10 -28.31 -18.57
CA GLN A 196 -11.20 -28.88 -19.35
C GLN A 196 -11.45 -28.10 -20.65
N LEU A 197 -11.16 -26.80 -20.65
CA LEU A 197 -11.30 -26.09 -21.92
C LEU A 197 -10.32 -26.64 -22.94
N GLU A 198 -9.04 -26.76 -22.53
CA GLU A 198 -7.99 -27.30 -23.40
C GLU A 198 -8.24 -28.76 -23.78
N LEU A 199 -8.86 -29.52 -22.89
CA LEU A 199 -9.26 -30.88 -23.24
C LEU A 199 -10.28 -30.90 -24.37
N TYR A 200 -11.25 -30.00 -24.33
CA TYR A 200 -12.17 -29.91 -25.47
C TYR A 200 -11.47 -29.44 -26.74
N LEU A 201 -10.54 -28.50 -26.60
CA LEU A 201 -9.93 -27.91 -27.76
C LEU A 201 -8.73 -28.68 -28.27
N ASN A 202 -8.60 -29.95 -27.92
CA ASN A 202 -7.44 -30.64 -28.47
C ASN A 202 -7.82 -31.29 -29.78
N ASN A 203 -8.84 -32.12 -29.73
CA ASN A 203 -9.42 -32.76 -30.90
C ASN A 203 -10.75 -33.37 -30.46
N LYS A 204 -11.53 -33.79 -31.45
CA LYS A 204 -12.90 -34.19 -31.17
C LYS A 204 -13.02 -35.58 -30.54
N ASP A 205 -11.94 -36.36 -30.52
CA ASP A 205 -11.93 -37.56 -29.70
C ASP A 205 -11.65 -37.24 -28.25
N ASP A 206 -11.00 -36.12 -27.98
CA ASP A 206 -10.83 -35.70 -26.61
C ASP A 206 -11.93 -34.77 -26.17
N GLN A 207 -12.57 -34.08 -27.11
CA GLN A 207 -13.60 -33.15 -26.71
C GLN A 207 -14.84 -33.89 -26.24
N LYS A 208 -15.00 -35.16 -26.61
CA LYS A 208 -16.14 -35.92 -26.10
C LYS A 208 -16.03 -36.08 -24.58
N ARG A 209 -14.82 -36.27 -24.06
CA ARG A 209 -14.61 -36.45 -22.62
C ARG A 209 -14.49 -35.10 -21.82
N SER A 210 -14.71 -33.94 -22.44
CA SER A 210 -14.75 -32.70 -21.69
C SER A 210 -16.07 -32.55 -20.97
N ILE A 211 -16.08 -31.71 -19.92
CA ILE A 211 -17.32 -31.30 -19.25
C ILE A 211 -18.00 -30.13 -19.96
N PHE A 212 -17.32 -29.48 -20.89
CA PHE A 212 -17.87 -28.40 -21.67
C PHE A 212 -18.41 -28.93 -23.00
N GLN A 213 -19.20 -28.07 -23.63
CA GLN A 213 -19.76 -28.26 -24.94
C GLN A 213 -19.91 -26.87 -25.54
N LYS A 214 -20.09 -26.80 -26.84
CA LYS A 214 -20.45 -25.53 -27.47
C LYS A 214 -21.80 -25.08 -26.97
N SER A 215 -21.93 -23.78 -26.72
CA SER A 215 -23.22 -23.26 -26.32
C SER A 215 -24.00 -22.76 -27.51
N GLU A 216 -25.28 -23.01 -27.49
CA GLU A 216 -26.17 -22.47 -28.48
C GLU A 216 -26.33 -20.96 -28.38
N ARG A 217 -25.62 -20.27 -27.47
CA ARG A 217 -25.67 -18.81 -27.37
C ARG A 217 -24.33 -18.15 -27.57
N GLY A 218 -23.30 -18.92 -27.87
CA GLY A 218 -21.93 -18.47 -27.94
C GLY A 218 -21.09 -19.14 -26.87
N GLY A 219 -19.78 -19.07 -27.06
CA GLY A 219 -18.82 -19.78 -26.24
C GLY A 219 -19.14 -21.21 -25.81
N PHE A 220 -18.81 -21.56 -24.57
CA PHE A 220 -18.93 -22.92 -24.07
C PHE A 220 -19.84 -22.91 -22.88
N ARG A 221 -20.50 -24.03 -22.69
CA ARG A 221 -21.38 -24.22 -21.56
C ARG A 221 -21.09 -25.60 -20.99
N LEU A 222 -21.49 -25.81 -19.75
CA LEU A 222 -21.28 -27.13 -19.15
C LEU A 222 -22.27 -28.10 -19.74
N LYS A 223 -21.85 -29.33 -19.84
CA LYS A 223 -22.79 -30.35 -20.22
C LYS A 223 -23.81 -30.49 -19.10
N GLU A 224 -25.03 -30.82 -19.47
CA GLU A 224 -26.04 -30.97 -18.43
C GLU A 224 -25.65 -32.12 -17.51
N ASN A 225 -26.20 -32.11 -16.31
CA ASN A 225 -25.97 -33.12 -15.29
C ASN A 225 -24.58 -33.05 -14.68
N VAL A 226 -23.80 -32.00 -14.92
CA VAL A 226 -22.57 -31.76 -14.19
C VAL A 226 -22.83 -30.61 -13.23
N GLN A 227 -22.60 -30.84 -11.93
CA GLN A 227 -22.73 -29.77 -10.95
C GLN A 227 -21.57 -29.83 -9.95
N PHE A 228 -21.33 -28.70 -9.27
CA PHE A 228 -20.21 -28.58 -8.34
C PHE A 228 -20.67 -28.31 -6.91
N HIS A 229 -20.01 -28.93 -5.95
CA HIS A 229 -20.37 -28.76 -4.54
C HIS A 229 -19.16 -28.26 -3.79
N LEU A 230 -19.40 -27.37 -2.85
CA LEU A 230 -18.35 -26.71 -2.11
C LEU A 230 -18.41 -27.24 -0.70
N TYR A 231 -17.25 -27.58 -0.14
CA TYR A 231 -17.14 -28.07 1.23
C TYR A 231 -16.18 -27.17 2.00
N ILE A 232 -16.66 -26.62 3.10
CA ILE A 232 -15.78 -26.03 4.08
C ILE A 232 -16.01 -26.79 5.38
N SER A 233 -14.92 -27.18 6.03
CA SER A 233 -15.03 -27.82 7.31
C SER A 233 -15.64 -26.91 8.39
N THR A 234 -15.89 -25.63 8.10
CA THR A 234 -16.42 -24.69 9.11
C THR A 234 -17.26 -23.57 8.46
N SER A 235 -17.73 -22.68 9.29
CA SER A 235 -18.45 -21.51 8.84
C SER A 235 -17.50 -20.54 8.12
N PRO A 236 -17.95 -19.89 7.05
CA PRO A 236 -17.07 -18.90 6.39
C PRO A 236 -17.11 -17.57 7.10
N CYS A 237 -15.94 -16.91 7.19
CA CYS A 237 -15.82 -15.73 8.01
C CYS A 237 -16.76 -14.63 7.53
N GLY A 238 -17.09 -13.73 8.43
CA GLY A 238 -18.17 -12.79 8.18
C GLY A 238 -19.54 -13.39 8.49
N ASP A 239 -20.52 -12.90 7.77
CA ASP A 239 -21.90 -12.94 8.21
C ASP A 239 -22.42 -14.32 8.52
N ALA A 240 -21.81 -15.34 8.01
CA ALA A 240 -22.28 -16.70 8.23
C ALA A 240 -21.67 -17.28 9.46
N ARG A 241 -20.69 -16.56 10.03
CA ARG A 241 -19.90 -17.05 11.15
C ARG A 241 -19.85 -16.11 12.35
N ILE A 242 -20.02 -14.82 12.18
CA ILE A 242 -19.48 -13.92 13.17
C ILE A 242 -20.33 -13.97 14.42
N PHE A 243 -21.61 -14.26 14.24
CA PHE A 243 -22.59 -14.13 15.28
C PHE A 243 -22.67 -15.32 16.21
N SER A 244 -22.19 -16.47 15.77
CA SER A 244 -22.26 -17.68 16.58
C SER A 244 -21.21 -18.66 16.11
N PRO A 245 -19.88 -18.32 16.25
CA PRO A 245 -18.84 -19.24 15.77
C PRO A 245 -18.71 -20.45 16.66
N HIS A 246 -19.83 -21.08 16.97
CA HIS A 246 -19.82 -22.25 17.82
C HIS A 246 -20.87 -23.20 17.32
N GLU A 247 -20.62 -24.49 17.52
CA GLU A 247 -21.64 -25.49 17.28
C GLU A 247 -22.86 -25.12 18.09
N PRO A 248 -24.02 -24.90 17.46
CA PRO A 248 -25.23 -24.62 18.24
C PRO A 248 -25.74 -25.90 18.90
N ILE A 249 -26.38 -25.74 20.04
CA ILE A 249 -26.99 -26.88 20.71
C ILE A 249 -28.50 -26.62 20.75
N LEU A 250 -29.29 -27.69 20.59
CA LEU A 250 -30.73 -27.58 20.40
C LEU A 250 -31.37 -26.76 21.50
N GLU A 251 -30.83 -26.85 22.72
CA GLU A 251 -31.24 -25.97 23.81
C GLU A 251 -31.32 -24.53 23.32
N GLU A 252 -30.29 -24.06 22.63
CA GLU A 252 -30.28 -22.71 22.08
C GLU A 252 -30.81 -22.75 20.64
N PRO A 253 -32.01 -22.25 20.37
CA PRO A 253 -32.62 -22.54 19.07
C PRO A 253 -31.88 -21.93 17.89
N ALA A 254 -31.84 -20.60 17.82
CA ALA A 254 -31.63 -19.81 16.60
C ALA A 254 -31.42 -18.34 16.96
N ASP A 255 -31.43 -17.46 15.97
CA ASP A 255 -31.05 -16.07 16.21
C ASP A 255 -32.19 -15.32 16.89
N ARG A 256 -31.91 -14.80 18.07
CA ARG A 256 -32.87 -13.99 18.82
C ARG A 256 -32.92 -12.56 18.33
N HIS A 257 -32.02 -12.14 17.46
CA HIS A 257 -31.97 -10.75 17.03
C HIS A 257 -31.75 -10.65 15.54
N PRO A 258 -32.71 -11.13 14.74
CA PRO A 258 -32.55 -11.12 13.28
C PRO A 258 -32.52 -9.75 12.67
N ASN A 259 -32.89 -8.71 13.39
CA ASN A 259 -33.06 -7.42 12.76
C ASN A 259 -32.03 -6.42 13.18
N ARG A 260 -30.95 -6.85 13.80
CA ARG A 260 -29.94 -5.85 14.12
C ARG A 260 -29.29 -5.38 12.84
N LYS A 261 -29.07 -4.08 12.78
CA LYS A 261 -28.32 -3.42 11.73
C LYS A 261 -27.19 -4.32 11.30
N ALA A 262 -26.47 -4.93 12.24
CA ALA A 262 -25.24 -5.59 11.84
C ALA A 262 -25.48 -6.91 11.11
N ARG A 263 -26.69 -7.49 11.17
CA ARG A 263 -26.92 -8.73 10.43
C ARG A 263 -26.85 -8.43 8.94
N GLY A 264 -26.11 -9.27 8.20
CA GLY A 264 -25.94 -9.21 6.75
C GLY A 264 -24.97 -8.18 6.17
N GLN A 265 -24.29 -7.40 6.99
CA GLN A 265 -23.37 -6.39 6.49
C GLN A 265 -22.23 -7.04 5.72
N LEU A 266 -21.66 -6.31 4.78
CA LEU A 266 -20.39 -6.77 4.23
C LEU A 266 -19.29 -6.56 5.27
N ARG A 267 -18.37 -7.48 5.31
CA ARG A 267 -17.28 -7.41 6.28
C ARG A 267 -15.93 -7.72 5.68
N THR A 268 -14.90 -7.04 6.17
CA THR A 268 -13.55 -7.38 5.73
C THR A 268 -12.76 -8.09 6.83
N LYS A 269 -11.97 -9.09 6.45
CA LYS A 269 -10.76 -9.39 7.20
C LYS A 269 -9.87 -8.12 7.22
N ILE A 270 -9.02 -8.00 8.25
CA ILE A 270 -8.10 -6.86 8.35
C ILE A 270 -6.72 -7.31 8.81
N GLU A 271 -5.70 -6.76 8.19
CA GLU A 271 -4.35 -7.18 8.46
C GLU A 271 -4.05 -6.98 9.95
N SER A 272 -3.45 -7.99 10.59
CA SER A 272 -3.09 -7.96 12.03
C SER A 272 -4.21 -7.40 12.91
N GLY A 273 -5.35 -8.06 12.83
CA GLY A 273 -6.55 -7.69 13.53
C GLY A 273 -7.41 -8.93 13.64
N GLN A 274 -8.20 -8.99 14.69
CA GLN A 274 -9.09 -10.11 14.88
C GLN A 274 -10.48 -9.78 14.35
N GLY A 275 -11.12 -10.75 13.71
CA GLY A 275 -12.49 -10.50 13.33
C GLY A 275 -12.70 -10.09 11.88
N THR A 276 -13.99 -9.95 11.57
CA THR A 276 -14.46 -9.42 10.31
C THR A 276 -15.26 -8.15 10.60
N ILE A 277 -14.77 -7.04 10.07
CA ILE A 277 -15.27 -5.70 10.31
C ILE A 277 -16.30 -5.28 9.25
N PRO A 278 -17.37 -4.56 9.64
CA PRO A 278 -18.30 -4.02 8.66
C PRO A 278 -17.61 -2.95 7.83
N VAL A 279 -18.21 -2.56 6.70
CA VAL A 279 -17.63 -1.46 5.93
C VAL A 279 -18.21 -0.13 6.42
N ARG A 280 -17.36 0.69 7.06
CA ARG A 280 -17.74 1.93 7.73
C ARG A 280 -17.69 3.11 6.77
N SER A 281 -18.37 4.20 7.14
CA SER A 281 -18.48 5.40 6.29
C SER A 281 -18.76 4.99 4.85
N ASN A 282 -19.70 4.06 4.71
CA ASN A 282 -19.99 3.32 3.49
C ASN A 282 -18.76 2.52 3.08
N ALA A 283 -17.66 3.19 2.69
CA ALA A 283 -16.40 2.53 2.31
C ALA A 283 -15.24 3.53 2.37
N SER A 284 -14.02 2.98 2.30
CA SER A 284 -12.78 3.75 2.15
C SER A 284 -11.87 2.93 1.25
N ILE A 285 -11.75 3.31 -0.04
CA ILE A 285 -10.93 2.54 -0.99
C ILE A 285 -9.47 2.52 -0.50
N GLN A 286 -8.77 1.45 -0.86
CA GLN A 286 -7.40 1.29 -0.43
C GLN A 286 -6.44 1.87 -1.42
N THR A 287 -5.23 2.15 -0.99
CA THR A 287 -4.21 2.60 -1.91
C THR A 287 -3.00 1.74 -1.75
N TRP A 288 -2.15 1.78 -2.79
CA TRP A 288 -0.92 1.00 -2.77
C TRP A 288 0.06 1.63 -1.80
N ASP A 289 0.32 2.93 -1.97
CA ASP A 289 1.33 3.52 -1.11
C ASP A 289 0.82 3.70 0.35
N GLY A 290 -0.51 3.70 0.56
CA GLY A 290 -1.07 3.65 1.88
C GLY A 290 -0.78 2.32 2.56
N VAL A 291 -1.17 1.21 1.93
CA VAL A 291 -0.95 -0.10 2.53
C VAL A 291 0.53 -0.31 2.79
N LEU A 292 1.38 0.16 1.90
CA LEU A 292 2.79 0.10 2.23
C LEU A 292 3.10 0.91 3.48
N GLN A 293 2.48 2.08 3.65
CA GLN A 293 2.80 2.89 4.82
C GLN A 293 2.40 2.18 6.10
N GLY A 294 1.30 1.45 6.07
CA GLY A 294 0.84 0.78 7.26
C GLY A 294 -0.66 0.72 7.38
N GLU A 295 -1.41 1.41 6.52
CA GLU A 295 -2.85 1.14 6.41
C GLU A 295 -3.07 -0.36 6.34
N ARG A 296 -3.87 -0.91 7.24
CA ARG A 296 -3.96 -2.37 7.22
C ARG A 296 -4.77 -2.85 6.02
N LEU A 297 -4.32 -3.94 5.45
CA LEU A 297 -4.96 -4.36 4.22
C LEU A 297 -6.34 -4.93 4.50
N LEU A 298 -7.34 -4.44 3.78
CA LEU A 298 -8.66 -5.03 3.88
C LEU A 298 -8.85 -6.05 2.78
N THR A 299 -9.43 -7.19 3.15
CA THR A 299 -9.89 -8.23 2.25
C THR A 299 -11.32 -8.60 2.58
N MET A 300 -12.15 -8.66 1.56
CA MET A 300 -13.53 -9.00 1.78
C MET A 300 -13.58 -10.35 2.44
N SER A 301 -14.57 -10.53 3.33
CA SER A 301 -14.76 -11.80 4.02
C SER A 301 -15.21 -12.94 3.08
N CYS A 302 -15.03 -14.13 3.60
CA CYS A 302 -15.38 -15.31 2.86
C CYS A 302 -16.89 -15.45 2.70
N SER A 303 -17.68 -15.05 3.71
CA SER A 303 -19.15 -15.05 3.54
C SER A 303 -19.56 -14.16 2.39
N ASP A 304 -18.96 -12.97 2.33
CA ASP A 304 -19.20 -12.04 1.24
C ASP A 304 -18.75 -12.61 -0.10
N LYS A 305 -17.53 -13.14 -0.15
CA LYS A 305 -17.05 -13.62 -1.43
C LYS A 305 -17.94 -14.71 -1.95
N ILE A 306 -18.40 -15.61 -1.09
CA ILE A 306 -19.28 -16.67 -1.59
C ILE A 306 -20.63 -16.09 -2.05
N ALA A 307 -21.15 -15.08 -1.33
CA ALA A 307 -22.32 -14.40 -1.85
C ALA A 307 -22.07 -13.94 -3.30
N ARG A 308 -20.95 -13.23 -3.51
CA ARG A 308 -20.55 -12.76 -4.83
C ARG A 308 -20.52 -13.89 -5.85
N TRP A 309 -19.85 -14.98 -5.50
CA TRP A 309 -19.87 -16.12 -6.41
C TRP A 309 -21.31 -16.58 -6.65
N ASN A 310 -22.24 -16.34 -5.72
CA ASN A 310 -23.61 -16.80 -5.96
C ASN A 310 -24.42 -15.91 -6.89
N VAL A 311 -23.85 -14.77 -7.26
CA VAL A 311 -24.47 -13.86 -8.22
C VAL A 311 -23.76 -13.91 -9.58
N VAL A 312 -22.45 -13.70 -9.60
CA VAL A 312 -21.70 -13.57 -10.83
C VAL A 312 -21.07 -14.89 -11.24
N GLY A 313 -21.39 -15.97 -10.55
CA GLY A 313 -20.78 -17.24 -10.85
C GLY A 313 -19.36 -17.37 -10.28
N ILE A 314 -18.90 -18.63 -10.21
CA ILE A 314 -17.60 -18.95 -9.63
C ILE A 314 -16.38 -18.84 -10.57
N GLN A 315 -16.60 -18.56 -11.86
CA GLN A 315 -15.56 -18.64 -12.86
C GLN A 315 -14.68 -17.38 -12.99
N GLY A 316 -15.08 -16.26 -12.42
CA GLY A 316 -14.33 -15.02 -12.54
C GLY A 316 -14.65 -14.43 -13.91
N SER A 317 -14.05 -13.29 -14.20
CA SER A 317 -14.40 -12.55 -15.41
C SER A 317 -13.69 -13.12 -16.67
N LEU A 318 -12.35 -13.28 -16.57
CA LEU A 318 -11.57 -13.82 -17.66
C LEU A 318 -12.20 -15.08 -18.22
N LEU A 319 -12.55 -16.03 -17.36
CA LEU A 319 -13.21 -17.24 -17.85
C LEU A 319 -14.57 -16.92 -18.46
N SER A 320 -15.24 -15.85 -18.01
CA SER A 320 -16.55 -15.51 -18.56
C SER A 320 -16.42 -15.21 -20.05
N ILE A 321 -15.24 -14.74 -20.47
CA ILE A 321 -15.05 -14.43 -21.87
C ILE A 321 -15.29 -15.67 -22.76
N PHE A 322 -15.21 -16.87 -22.19
CA PHE A 322 -15.41 -18.15 -22.87
C PHE A 322 -16.63 -18.88 -22.35
N VAL A 323 -16.76 -19.00 -21.03
CA VAL A 323 -17.81 -19.83 -20.47
C VAL A 323 -19.01 -18.98 -20.02
N GLU A 324 -20.16 -19.65 -20.05
CA GLU A 324 -21.36 -19.17 -19.41
C GLU A 324 -21.19 -19.34 -17.90
N PRO A 325 -21.95 -18.61 -17.10
CA PRO A 325 -21.70 -18.61 -15.64
C PRO A 325 -21.92 -19.95 -14.98
N ILE A 326 -21.10 -20.23 -13.97
CA ILE A 326 -21.18 -21.47 -13.21
C ILE A 326 -21.44 -21.22 -11.73
N TYR A 327 -22.33 -22.03 -11.17
CA TYR A 327 -22.87 -21.89 -9.83
C TYR A 327 -22.67 -23.15 -8.99
N PHE A 328 -22.23 -22.97 -7.73
CA PHE A 328 -22.23 -24.10 -6.79
C PHE A 328 -23.65 -24.55 -6.58
N SER A 329 -23.87 -25.84 -6.60
CA SER A 329 -25.21 -26.37 -6.45
C SER A 329 -25.54 -26.64 -4.98
N SER A 330 -24.51 -26.85 -4.16
CA SER A 330 -24.72 -26.99 -2.74
C SER A 330 -23.48 -26.49 -1.97
N ILE A 331 -23.70 -26.08 -0.73
CA ILE A 331 -22.61 -25.69 0.13
C ILE A 331 -22.69 -26.48 1.43
N ILE A 332 -21.59 -27.15 1.76
CA ILE A 332 -21.52 -28.18 2.80
C ILE A 332 -20.55 -27.74 3.88
N LEU A 333 -21.02 -27.75 5.14
CA LEU A 333 -20.24 -27.24 6.26
C LEU A 333 -19.78 -28.38 7.16
N GLY A 334 -18.47 -28.47 7.38
CA GLY A 334 -17.91 -29.46 8.29
C GLY A 334 -18.30 -29.25 9.76
N SER A 335 -18.53 -28.01 10.18
CA SER A 335 -18.88 -27.71 11.54
C SER A 335 -19.43 -26.29 11.58
N LEU A 336 -20.06 -25.96 12.72
CA LEU A 336 -20.52 -24.61 13.05
C LEU A 336 -21.65 -24.12 12.14
N TYR A 337 -22.53 -25.02 11.75
CA TYR A 337 -23.57 -24.67 10.80
C TYR A 337 -24.75 -24.06 11.52
N HIS A 338 -25.15 -22.86 11.11
CA HIS A 338 -26.36 -22.20 11.57
C HIS A 338 -27.17 -21.90 10.33
N GLY A 339 -28.25 -22.63 10.13
CA GLY A 339 -28.95 -22.56 8.85
C GLY A 339 -29.44 -21.18 8.52
N ASP A 340 -30.03 -20.50 9.51
CA ASP A 340 -30.53 -19.15 9.28
C ASP A 340 -29.37 -18.21 8.89
N HIS A 341 -28.26 -18.23 9.64
CA HIS A 341 -27.15 -17.34 9.28
C HIS A 341 -26.52 -17.67 7.94
N LEU A 342 -26.33 -18.96 7.64
CA LEU A 342 -25.70 -19.32 6.38
C LEU A 342 -26.57 -18.89 5.21
N SER A 343 -27.85 -19.22 5.26
CA SER A 343 -28.76 -18.83 4.19
C SER A 343 -28.83 -17.32 4.02
N ARG A 344 -28.91 -16.58 5.13
CA ARG A 344 -28.84 -15.13 5.02
C ARG A 344 -27.57 -14.70 4.32
N ALA A 345 -26.45 -15.33 4.69
CA ALA A 345 -25.15 -14.81 4.31
C ALA A 345 -24.83 -15.08 2.85
N MET A 346 -25.34 -16.21 2.32
CA MET A 346 -25.02 -16.75 1.01
C MET A 346 -25.80 -16.06 -0.08
N TYR A 347 -27.12 -15.92 0.10
CA TYR A 347 -27.96 -15.23 -0.86
C TYR A 347 -29.01 -14.30 -0.31
N GLN A 348 -29.63 -14.65 0.85
CA GLN A 348 -30.88 -13.97 1.21
C GLN A 348 -30.67 -12.50 1.51
N ARG A 349 -29.50 -12.13 2.06
CA ARG A 349 -29.27 -10.72 2.35
C ARG A 349 -29.38 -9.86 1.10
N ILE A 350 -29.18 -10.41 -0.09
CA ILE A 350 -29.29 -9.59 -1.29
C ILE A 350 -30.31 -10.21 -2.21
N SER A 351 -31.35 -10.80 -1.63
CA SER A 351 -32.48 -11.21 -2.47
C SER A 351 -33.24 -10.02 -3.06
N ASN A 352 -32.83 -8.78 -2.77
CA ASN A 352 -33.34 -7.62 -3.50
C ASN A 352 -32.66 -7.40 -4.85
N ILE A 353 -31.80 -8.32 -5.33
CA ILE A 353 -30.98 -8.00 -6.51
C ILE A 353 -31.86 -8.06 -7.74
N GLU A 354 -31.62 -7.14 -8.69
CA GLU A 354 -32.48 -6.97 -9.86
C GLU A 354 -31.72 -6.72 -11.16
N ASP A 355 -32.41 -7.05 -12.27
CA ASP A 355 -31.96 -6.72 -13.63
C ASP A 355 -30.56 -7.25 -13.91
N LEU A 356 -30.37 -8.50 -13.63
CA LEU A 356 -29.12 -9.17 -13.95
C LEU A 356 -29.06 -9.59 -15.42
N PRO A 357 -27.89 -9.49 -16.06
CA PRO A 357 -27.73 -10.06 -17.38
C PRO A 357 -28.32 -11.45 -17.46
N PRO A 358 -28.84 -11.84 -18.60
CA PRO A 358 -29.45 -13.16 -18.69
C PRO A 358 -28.40 -14.21 -18.47
N LEU A 359 -28.82 -15.34 -17.90
CA LEU A 359 -27.92 -16.41 -17.48
C LEU A 359 -27.16 -16.01 -16.22
N TYR A 360 -27.38 -14.81 -15.73
CA TYR A 360 -26.99 -14.51 -14.39
C TYR A 360 -28.23 -14.49 -13.51
N THR A 361 -28.04 -14.91 -12.27
CA THR A 361 -29.14 -15.04 -11.34
C THR A 361 -28.59 -14.94 -9.95
N LEU A 362 -29.50 -14.90 -8.96
CA LEU A 362 -29.16 -15.08 -7.55
C LEU A 362 -29.29 -16.56 -7.24
N ASN A 363 -28.15 -17.23 -7.13
CA ASN A 363 -28.11 -18.67 -6.93
C ASN A 363 -28.36 -19.04 -5.48
N LYS A 364 -29.33 -19.91 -5.26
CA LYS A 364 -29.63 -20.33 -3.90
C LYS A 364 -29.28 -21.81 -3.80
N PRO A 365 -28.03 -22.17 -3.51
CA PRO A 365 -27.66 -23.60 -3.48
C PRO A 365 -28.22 -24.31 -2.25
N LEU A 366 -28.08 -25.63 -2.28
CA LEU A 366 -28.40 -26.41 -1.09
C LEU A 366 -27.39 -26.11 -0.01
N LEU A 367 -27.88 -25.94 1.20
CA LEU A 367 -27.02 -25.73 2.34
C LEU A 367 -27.17 -26.94 3.25
N SER A 368 -26.06 -27.43 3.78
CA SER A 368 -26.19 -28.52 4.74
C SER A 368 -24.88 -28.69 5.52
N GLY A 369 -25.04 -29.16 6.78
CA GLY A 369 -23.95 -29.66 7.59
C GLY A 369 -23.87 -31.20 7.53
N ILE A 370 -22.83 -31.73 8.15
CA ILE A 370 -22.60 -33.15 8.11
C ILE A 370 -23.15 -33.82 9.35
N SER A 371 -23.26 -35.15 9.27
CA SER A 371 -23.79 -35.96 10.36
C SER A 371 -22.91 -35.89 11.60
N ASN A 372 -21.61 -36.15 11.43
CA ASN A 372 -20.64 -36.14 12.51
C ASN A 372 -19.67 -34.96 12.32
N ALA A 373 -19.93 -33.85 13.03
CA ALA A 373 -19.21 -32.58 12.83
C ALA A 373 -17.70 -32.73 13.03
N GLU A 374 -16.91 -31.89 12.37
CA GLU A 374 -15.48 -31.98 12.62
C GLU A 374 -15.17 -31.37 13.97
N ALA A 375 -13.98 -31.65 14.48
CA ALA A 375 -13.59 -31.23 15.82
C ALA A 375 -12.39 -30.30 15.71
N ARG A 376 -12.25 -29.45 16.71
CA ARG A 376 -11.24 -28.41 16.67
C ARG A 376 -9.86 -29.05 16.59
N GLN A 377 -8.95 -28.35 15.97
CA GLN A 377 -7.60 -28.85 15.84
C GLN A 377 -6.78 -28.16 16.90
N PRO A 378 -6.32 -28.86 17.92
CA PRO A 378 -5.50 -28.21 18.92
C PRO A 378 -4.12 -27.96 18.36
N GLY A 379 -3.61 -26.76 18.61
CA GLY A 379 -2.28 -26.33 18.18
C GLY A 379 -2.26 -24.86 17.77
N LYS A 380 -1.08 -24.35 17.42
CA LYS A 380 -1.00 -23.08 16.71
C LYS A 380 -1.67 -23.25 15.34
N ALA A 381 -2.24 -22.16 14.78
CA ALA A 381 -2.73 -22.32 13.39
C ALA A 381 -1.54 -22.27 12.46
N PRO A 382 -1.44 -23.20 11.51
CA PRO A 382 -0.34 -23.12 10.56
C PRO A 382 -0.39 -21.81 9.77
N ASN A 383 0.80 -21.31 9.42
CA ASN A 383 0.86 -20.10 8.61
C ASN A 383 0.85 -20.38 7.11
N PHE A 384 0.69 -21.64 6.72
CA PHE A 384 0.82 -22.08 5.35
C PHE A 384 -0.50 -22.66 4.86
N SER A 385 -0.65 -22.69 3.56
CA SER A 385 -1.85 -23.18 2.95
C SER A 385 -1.44 -24.22 1.91
N VAL A 386 -2.17 -25.33 1.83
CA VAL A 386 -1.90 -26.31 0.80
C VAL A 386 -3.05 -26.33 -0.21
N ASN A 387 -2.67 -26.47 -1.51
CA ASN A 387 -3.61 -26.51 -2.62
C ASN A 387 -3.39 -27.74 -3.51
N TRP A 388 -4.48 -28.19 -4.14
CA TRP A 388 -4.41 -29.30 -5.08
C TRP A 388 -5.64 -29.31 -5.99
N THR A 389 -5.40 -29.53 -7.30
CA THR A 389 -6.47 -29.77 -8.25
C THR A 389 -6.36 -31.16 -8.83
N VAL A 390 -7.51 -31.74 -9.19
CA VAL A 390 -7.48 -33.03 -9.87
C VAL A 390 -6.57 -32.90 -11.08
N GLY A 391 -5.76 -33.93 -11.28
CA GLY A 391 -4.73 -33.91 -12.29
C GLY A 391 -3.43 -33.34 -11.82
N ASP A 392 -3.32 -32.99 -10.55
CA ASP A 392 -2.04 -32.47 -10.12
C ASP A 392 -1.17 -33.61 -9.67
N SER A 393 0.13 -33.39 -9.81
CA SER A 393 1.08 -34.38 -9.35
C SER A 393 1.06 -34.44 -7.84
N ALA A 394 1.44 -33.34 -7.20
CA ALA A 394 1.51 -33.28 -5.75
C ALA A 394 0.73 -32.04 -5.26
N ILE A 395 0.66 -31.88 -3.94
CA ILE A 395 0.11 -30.65 -3.39
C ILE A 395 1.12 -29.51 -3.58
N GLU A 396 0.62 -28.32 -3.52
CA GLU A 396 1.48 -27.16 -3.45
C GLU A 396 1.32 -26.55 -2.06
N VAL A 397 2.41 -26.10 -1.48
CA VAL A 397 2.37 -25.49 -0.15
C VAL A 397 2.82 -24.04 -0.28
N ILE A 398 1.97 -23.12 0.15
CA ILE A 398 2.18 -21.68 0.05
C ILE A 398 2.20 -21.12 1.45
N ASN A 399 3.13 -20.19 1.70
CA ASN A 399 3.12 -19.40 2.94
C ASN A 399 2.08 -18.29 2.83
N ALA A 400 1.03 -18.35 3.62
CA ALA A 400 -0.03 -17.36 3.44
C ALA A 400 0.48 -15.96 3.74
N THR A 401 1.42 -15.82 4.65
CA THR A 401 1.68 -14.42 4.93
C THR A 401 2.48 -13.79 3.81
N THR A 402 3.16 -14.57 2.97
CA THR A 402 3.80 -14.02 1.78
C THR A 402 3.02 -14.29 0.51
N GLY A 403 2.19 -15.32 0.49
CA GLY A 403 1.45 -15.63 -0.70
C GLY A 403 2.26 -16.30 -1.77
N LYS A 404 3.54 -16.55 -1.52
CA LYS A 404 4.47 -17.38 -2.31
C LYS A 404 4.86 -18.63 -1.52
N ASP A 405 5.56 -19.57 -2.22
CA ASP A 405 5.94 -20.86 -1.64
C ASP A 405 7.22 -20.71 -0.81
N GLU A 406 7.65 -21.79 -0.15
CA GLU A 406 8.73 -21.64 0.82
C GLU A 406 10.00 -21.13 0.19
N LEU A 407 10.22 -21.47 -1.08
CA LEU A 407 11.42 -21.03 -1.75
C LEU A 407 11.28 -19.62 -2.22
N GLY A 408 10.05 -19.14 -2.33
CA GLY A 408 9.81 -17.81 -2.87
C GLY A 408 9.14 -17.85 -4.21
N ARG A 409 8.78 -19.03 -4.68
CA ARG A 409 8.21 -19.10 -6.01
C ARG A 409 6.73 -18.73 -6.05
N ALA A 410 6.30 -18.21 -7.21
CA ALA A 410 4.90 -17.85 -7.36
C ALA A 410 4.03 -19.09 -7.35
N SER A 411 2.74 -18.90 -7.22
CA SER A 411 1.96 -20.09 -7.05
C SER A 411 1.40 -20.47 -8.42
N ARG A 412 1.08 -21.75 -8.59
CA ARG A 412 0.29 -22.10 -9.74
C ARG A 412 -1.17 -21.47 -9.71
N LEU A 413 -1.41 -20.61 -8.71
CA LEU A 413 -2.72 -20.03 -8.41
C LEU A 413 -2.70 -18.51 -8.39
N CYS A 414 -1.54 -17.89 -8.60
CA CYS A 414 -1.54 -16.44 -8.54
C CYS A 414 -2.08 -15.87 -9.84
N LYS A 415 -2.38 -14.58 -9.78
CA LYS A 415 -3.03 -13.89 -10.87
C LYS A 415 -2.28 -14.18 -12.15
N HIS A 416 -0.96 -14.17 -12.04
CA HIS A 416 -0.09 -14.35 -13.17
C HIS A 416 -0.23 -15.73 -13.82
N ALA A 417 -0.18 -16.79 -13.01
CA ALA A 417 -0.34 -18.13 -13.55
C ALA A 417 -1.71 -18.29 -14.22
N LEU A 418 -2.73 -17.70 -13.63
CA LEU A 418 -4.06 -17.79 -14.23
C LEU A 418 -4.17 -17.01 -15.52
N TYR A 419 -3.53 -15.83 -15.59
CA TYR A 419 -3.50 -15.06 -16.82
C TYR A 419 -2.85 -15.87 -17.94
N CYS A 420 -1.76 -16.57 -17.59
CA CYS A 420 -1.10 -17.41 -18.57
C CYS A 420 -2.05 -18.51 -19.04
N ARG A 421 -2.71 -19.19 -18.11
CA ARG A 421 -3.65 -20.18 -18.62
C ARG A 421 -4.75 -19.52 -19.45
N TRP A 422 -5.13 -18.30 -19.11
CA TRP A 422 -6.12 -17.62 -19.91
C TRP A 422 -5.62 -17.36 -21.33
N MET A 423 -4.34 -17.00 -21.47
CA MET A 423 -3.81 -16.71 -22.80
C MET A 423 -3.70 -18.00 -23.62
N ARG A 424 -3.18 -19.07 -23.02
CA ARG A 424 -3.13 -20.34 -23.71
C ARG A 424 -4.50 -20.67 -24.27
N VAL A 425 -5.53 -20.61 -23.45
CA VAL A 425 -6.80 -20.92 -24.07
C VAL A 425 -7.20 -19.88 -25.11
N HIS A 426 -6.82 -18.61 -24.92
CA HIS A 426 -7.26 -17.57 -25.84
C HIS A 426 -6.73 -17.81 -27.26
N GLY A 427 -5.49 -18.32 -27.35
CA GLY A 427 -4.87 -18.64 -28.62
C GLY A 427 -5.68 -19.68 -29.37
N LYS A 428 -5.91 -20.84 -28.76
CA LYS A 428 -6.69 -21.83 -29.47
C LYS A 428 -8.18 -21.45 -29.60
N VAL A 429 -8.67 -20.31 -29.17
CA VAL A 429 -10.12 -20.19 -29.33
C VAL A 429 -10.47 -19.52 -30.65
N PRO A 430 -11.40 -20.11 -31.44
CA PRO A 430 -11.89 -19.39 -32.61
C PRO A 430 -12.36 -18.02 -32.20
N SER A 431 -11.78 -17.02 -32.85
CA SER A 431 -12.04 -15.63 -32.56
C SER A 431 -13.52 -15.28 -32.72
N HIS A 432 -14.33 -16.22 -33.22
CA HIS A 432 -15.77 -16.06 -33.32
C HIS A 432 -16.51 -16.84 -32.25
N LEU A 433 -15.85 -17.80 -31.61
CA LEU A 433 -16.45 -18.49 -30.47
C LEU A 433 -16.46 -17.67 -29.17
N LEU A 434 -15.73 -16.56 -29.11
CA LEU A 434 -15.68 -15.76 -27.90
C LEU A 434 -17.06 -15.29 -27.46
N ARG A 435 -17.22 -15.18 -26.12
CA ARG A 435 -18.45 -14.67 -25.52
C ARG A 435 -18.42 -13.15 -25.42
N SER A 436 -17.22 -12.58 -25.30
CA SER A 436 -17.04 -11.14 -25.55
C SER A 436 -16.00 -10.91 -26.64
N LYS A 437 -16.39 -10.17 -27.69
CA LYS A 437 -15.43 -9.76 -28.70
C LYS A 437 -14.81 -8.40 -28.35
N ILE A 438 -14.98 -7.88 -27.14
CA ILE A 438 -14.37 -6.60 -26.78
C ILE A 438 -12.85 -6.79 -26.72
N THR A 439 -12.10 -5.94 -27.44
CA THR A 439 -10.64 -6.12 -27.44
C THR A 439 -9.98 -5.32 -26.33
N LYS A 440 -8.88 -5.83 -25.77
CA LYS A 440 -8.26 -5.10 -24.68
C LYS A 440 -6.78 -5.37 -24.75
N PRO A 441 -5.94 -4.40 -24.39
CA PRO A 441 -4.50 -4.63 -24.44
C PRO A 441 -4.18 -5.77 -23.51
N ASN A 442 -3.03 -6.37 -23.71
CA ASN A 442 -2.80 -7.62 -23.02
C ASN A 442 -2.19 -7.33 -21.64
N VAL A 443 -2.98 -6.65 -20.78
CA VAL A 443 -2.62 -6.43 -19.37
C VAL A 443 -3.80 -6.86 -18.49
N TYR A 444 -3.46 -7.42 -17.31
CA TYR A 444 -4.40 -8.26 -16.54
C TYR A 444 -5.70 -7.51 -16.27
N HIS A 445 -5.56 -6.31 -15.72
CA HIS A 445 -6.66 -5.44 -15.37
C HIS A 445 -7.58 -5.19 -16.58
N GLU A 446 -6.96 -4.72 -17.68
CA GLU A 446 -7.69 -4.36 -18.87
C GLU A 446 -8.39 -5.56 -19.45
N SER A 447 -7.69 -6.69 -19.50
CA SER A 447 -8.32 -7.87 -20.05
C SER A 447 -9.59 -8.16 -19.30
N LYS A 448 -9.52 -8.13 -17.94
CA LYS A 448 -10.72 -8.39 -17.15
C LYS A 448 -11.83 -7.43 -17.53
N LEU A 449 -11.48 -6.17 -17.78
CA LEU A 449 -12.51 -5.24 -18.26
C LEU A 449 -13.18 -5.75 -19.54
N ALA A 450 -12.49 -6.56 -20.33
CA ALA A 450 -13.17 -6.99 -21.56
C ALA A 450 -14.44 -7.81 -21.30
N ALA A 451 -14.69 -8.21 -20.04
CA ALA A 451 -15.82 -9.09 -19.71
C ALA A 451 -17.06 -8.24 -19.34
N LYS A 452 -17.58 -7.55 -20.35
CA LYS A 452 -18.59 -6.52 -20.11
C LYS A 452 -19.81 -7.00 -19.29
N GLU A 453 -20.26 -8.24 -19.50
CA GLU A 453 -21.52 -8.73 -18.95
C GLU A 453 -21.35 -9.17 -17.48
N TYR A 454 -20.28 -9.94 -17.22
CA TYR A 454 -19.84 -10.22 -15.88
C TYR A 454 -19.67 -8.91 -15.12
N GLN A 455 -19.02 -7.91 -15.74
CA GLN A 455 -18.85 -6.63 -15.06
C GLN A 455 -20.17 -5.99 -14.77
N ALA A 456 -21.13 -6.13 -15.66
CA ALA A 456 -22.45 -5.58 -15.39
C ALA A 456 -23.05 -6.26 -14.17
N ALA A 457 -22.90 -7.58 -14.10
CA ALA A 457 -23.46 -8.34 -13.02
C ALA A 457 -22.83 -7.89 -11.71
N LYS A 458 -21.51 -7.81 -11.69
CA LYS A 458 -20.82 -7.37 -10.49
C LYS A 458 -21.30 -5.98 -10.08
N ALA A 459 -21.56 -5.12 -11.06
CA ALA A 459 -22.10 -3.83 -10.70
C ALA A 459 -23.46 -3.99 -9.99
N ARG A 460 -24.29 -4.92 -10.49
CA ARG A 460 -25.62 -5.08 -9.90
C ARG A 460 -25.53 -5.67 -8.49
N LEU A 461 -24.49 -6.47 -8.26
CA LEU A 461 -24.20 -7.06 -6.97
C LEU A 461 -23.84 -5.98 -5.95
N PHE A 462 -22.92 -5.10 -6.33
CA PHE A 462 -22.51 -4.05 -5.44
C PHE A 462 -23.67 -3.13 -5.12
N THR A 463 -24.46 -2.82 -6.14
CA THR A 463 -25.63 -1.98 -5.91
C THR A 463 -26.62 -2.65 -4.97
N ALA A 464 -26.85 -3.95 -5.13
CA ALA A 464 -27.79 -4.65 -4.26
C ALA A 464 -27.38 -4.50 -2.78
N PHE A 465 -26.09 -4.74 -2.47
CA PHE A 465 -25.58 -4.59 -1.12
C PHE A 465 -25.69 -3.14 -0.63
N ILE A 466 -25.38 -2.18 -1.49
CA ILE A 466 -25.45 -0.79 -1.03
C ILE A 466 -26.89 -0.41 -0.70
N LYS A 467 -27.84 -0.68 -1.63
CA LYS A 467 -29.26 -0.37 -1.39
C LYS A 467 -29.83 -1.16 -0.21
N ALA A 468 -29.22 -2.27 0.17
CA ALA A 468 -29.67 -2.97 1.33
C ALA A 468 -29.10 -2.42 2.64
N GLY A 469 -28.24 -1.41 2.60
CA GLY A 469 -27.60 -0.93 3.79
C GLY A 469 -26.49 -1.87 4.25
N LEU A 470 -25.96 -2.70 3.37
CA LEU A 470 -25.01 -3.69 3.79
C LEU A 470 -23.60 -3.26 3.53
N GLY A 471 -23.40 -2.03 3.11
CA GLY A 471 -22.06 -1.58 2.80
C GLY A 471 -21.69 -1.67 1.31
N ALA A 472 -20.51 -1.11 1.04
CA ALA A 472 -19.90 -0.97 -0.25
C ALA A 472 -18.67 -1.85 -0.30
N TRP A 473 -18.62 -2.74 -1.29
CA TRP A 473 -17.49 -3.64 -1.52
C TRP A 473 -16.15 -2.91 -1.50
N VAL A 474 -15.11 -3.57 -0.98
CA VAL A 474 -13.80 -2.94 -0.79
C VAL A 474 -12.82 -3.61 -1.75
N GLU A 475 -12.42 -2.91 -2.80
CA GLU A 475 -11.46 -3.51 -3.75
C GLU A 475 -10.00 -3.27 -3.38
N LYS A 476 -9.11 -4.05 -4.00
CA LYS A 476 -7.68 -3.96 -3.68
C LYS A 476 -7.13 -2.75 -4.40
N PRO A 477 -5.92 -2.33 -4.10
CA PRO A 477 -5.33 -1.26 -4.93
C PRO A 477 -5.10 -1.74 -6.37
N THR A 478 -5.52 -0.91 -7.34
CA THR A 478 -5.49 -1.26 -8.76
C THR A 478 -4.11 -1.63 -9.25
N GLU A 479 -3.06 -1.05 -8.67
CA GLU A 479 -1.72 -1.32 -9.17
C GLU A 479 -1.38 -2.80 -9.15
N GLN A 480 -2.15 -3.63 -8.47
CA GLN A 480 -1.82 -5.04 -8.49
C GLN A 480 -2.37 -5.80 -9.71
N ASP A 481 -3.19 -5.17 -10.56
CA ASP A 481 -3.63 -5.82 -11.79
C ASP A 481 -2.98 -5.25 -13.06
N GLN A 482 -2.23 -4.14 -12.95
CA GLN A 482 -1.45 -3.53 -14.03
C GLN A 482 -0.16 -4.31 -14.28
N PHE A 483 -0.31 -5.52 -14.80
CA PHE A 483 0.88 -6.23 -15.26
C PHE A 483 0.61 -6.97 -16.57
N SER A 484 1.69 -7.27 -17.31
CA SER A 484 1.56 -8.16 -18.46
C SER A 484 2.52 -9.34 -18.31
N LEU A 485 2.48 -10.21 -19.31
CA LEU A 485 3.39 -11.34 -19.42
C LEU A 485 4.58 -11.01 -20.37
N ASN B 21 24.10 -13.84 6.36
CA ASN B 21 24.03 -13.86 7.84
C ASN B 21 25.07 -12.94 8.55
N PRO B 22 24.58 -11.81 9.13
CA PRO B 22 25.47 -10.85 9.79
C PRO B 22 26.13 -11.36 11.08
N VAL B 23 25.29 -11.83 12.00
CA VAL B 23 25.80 -12.33 13.27
C VAL B 23 26.77 -13.49 13.04
N MET B 24 26.41 -14.43 12.14
CA MET B 24 27.24 -15.60 11.90
C MET B 24 28.57 -15.23 11.26
N ILE B 25 28.53 -14.43 10.18
CA ILE B 25 29.77 -14.05 9.50
C ILE B 25 30.69 -13.30 10.45
N LEU B 26 30.14 -12.37 11.25
CA LEU B 26 30.99 -11.60 12.16
C LEU B 26 31.56 -12.46 13.29
N ASN B 27 30.76 -13.35 13.90
CA ASN B 27 31.29 -14.16 15.00
C ASN B 27 32.09 -15.36 14.51
N GLU B 28 32.08 -15.64 13.21
CA GLU B 28 33.00 -16.59 12.61
C GLU B 28 34.32 -15.93 12.25
N LEU B 29 34.24 -14.69 11.76
CA LEU B 29 35.45 -13.90 11.53
C LEU B 29 36.13 -13.56 12.85
N ARG B 30 35.41 -12.94 13.77
CA ARG B 30 35.94 -12.48 15.04
C ARG B 30 35.69 -13.51 16.12
N PRO B 31 36.36 -13.39 17.29
CA PRO B 31 36.17 -14.39 18.34
C PRO B 31 34.78 -14.33 18.94
N GLY B 32 34.55 -15.15 19.97
CA GLY B 32 33.35 -14.99 20.77
C GLY B 32 33.27 -13.55 21.21
N LEU B 33 32.15 -12.89 20.87
CA LEU B 33 31.99 -11.46 21.12
C LEU B 33 30.53 -11.22 21.49
N LYS B 34 30.23 -11.23 22.79
CA LYS B 34 28.88 -10.98 23.27
C LYS B 34 28.68 -9.48 23.54
N TYR B 35 27.44 -9.11 23.87
CA TYR B 35 26.97 -7.74 23.89
C TYR B 35 26.05 -7.59 25.11
N ASP B 36 25.34 -6.47 25.20
CA ASP B 36 24.45 -6.22 26.34
C ASP B 36 23.21 -5.47 25.86
N PHE B 37 22.27 -5.28 26.79
CA PHE B 37 20.94 -4.72 26.48
C PHE B 37 20.90 -3.22 26.73
N LEU B 38 20.47 -2.47 25.71
CA LEU B 38 20.50 -1.02 25.78
C LEU B 38 19.11 -0.41 25.86
N SER B 39 18.25 -0.64 24.86
CA SER B 39 16.99 0.11 24.75
C SER B 39 15.79 -0.78 24.49
N GLU B 40 14.65 -0.39 25.10
CA GLU B 40 13.40 -1.15 25.08
C GLU B 40 12.24 -0.18 25.10
N SER B 41 11.53 -0.04 23.98
CA SER B 41 10.44 0.92 23.85
C SER B 41 9.19 0.23 23.30
N GLY B 42 8.01 0.63 23.79
CA GLY B 42 6.73 0.12 23.31
C GLY B 42 6.53 -1.38 23.55
N GLU B 43 5.36 -1.86 23.14
CA GLU B 43 5.09 -3.30 23.01
C GLU B 43 3.96 -3.49 22.00
N SER B 44 3.82 -4.73 21.50
CA SER B 44 2.75 -5.11 20.57
C SER B 44 2.85 -4.44 19.22
N HIS B 45 1.74 -3.79 18.78
CA HIS B 45 1.63 -3.09 17.50
C HIS B 45 2.68 -1.97 17.41
N ALA B 46 3.53 -1.82 18.45
CA ALA B 46 4.67 -0.89 18.45
C ALA B 46 5.69 -1.27 19.52
N LYS B 47 6.88 -1.76 19.11
CA LYS B 47 8.00 -1.98 20.04
C LYS B 47 9.32 -1.80 19.30
N SER B 48 10.38 -1.47 20.06
CA SER B 48 11.67 -1.13 19.48
C SER B 48 12.82 -1.48 20.43
N PHE B 49 13.88 -2.04 19.85
CA PHE B 49 15.12 -2.42 20.54
C PHE B 49 16.32 -1.82 19.81
N VAL B 50 17.43 -1.69 20.54
CA VAL B 50 18.71 -1.21 19.99
C VAL B 50 19.85 -1.89 20.73
N MET B 51 20.83 -2.40 19.97
CA MET B 51 21.98 -3.15 20.47
C MET B 51 23.28 -2.48 20.07
N SER B 52 24.31 -2.67 20.90
CA SER B 52 25.66 -2.18 20.60
C SER B 52 26.71 -3.17 21.11
N VAL B 53 27.83 -3.24 20.38
CA VAL B 53 28.98 -4.08 20.68
C VAL B 53 30.27 -3.28 20.47
N VAL B 54 31.40 -3.95 20.71
CA VAL B 54 32.73 -3.43 20.49
C VAL B 54 33.52 -4.51 19.75
N VAL B 55 33.76 -4.29 18.46
CA VAL B 55 34.50 -5.22 17.61
C VAL B 55 35.76 -4.52 17.13
N ASP B 56 36.92 -5.10 17.46
CA ASP B 56 38.23 -4.51 17.17
C ASP B 56 38.36 -3.09 17.74
N GLY B 57 37.68 -2.82 18.86
CA GLY B 57 37.68 -1.49 19.45
C GLY B 57 36.76 -0.51 18.75
N GLN B 58 35.45 -0.76 18.82
CA GLN B 58 34.44 0.09 18.18
C GLN B 58 33.24 0.23 19.11
N PHE B 59 32.21 0.94 18.66
CA PHE B 59 31.00 1.17 19.44
C PHE B 59 29.76 1.18 18.56
N PHE B 60 29.65 0.23 17.62
CA PHE B 60 28.63 0.29 16.58
C PHE B 60 27.21 0.22 17.17
N GLU B 61 26.22 0.43 16.30
CA GLU B 61 24.82 0.49 16.73
C GLU B 61 23.96 -0.33 15.78
N GLY B 62 22.79 -0.75 16.29
CA GLY B 62 21.78 -1.48 15.51
C GLY B 62 20.38 -1.33 16.08
N SER B 63 19.38 -1.05 15.23
CA SER B 63 18.02 -0.74 15.68
C SER B 63 17.05 -1.70 15.01
N GLY B 64 16.11 -2.24 15.80
CA GLY B 64 15.11 -3.17 15.30
C GLY B 64 14.07 -3.47 16.36
N ARG B 65 12.92 -3.98 15.92
CA ARG B 65 11.79 -4.15 16.84
C ARG B 65 11.85 -5.44 17.64
N ASN B 66 12.88 -6.26 17.40
CA ASN B 66 13.20 -7.44 18.21
C ASN B 66 14.72 -7.53 18.36
N LYS B 67 15.15 -8.19 19.44
CA LYS B 67 16.56 -8.19 19.81
C LYS B 67 17.45 -8.83 18.76
N LYS B 68 17.02 -9.97 18.21
CA LYS B 68 17.85 -10.67 17.23
C LYS B 68 18.19 -9.80 16.03
N LEU B 69 17.28 -8.91 15.61
CA LEU B 69 17.47 -8.06 14.44
C LEU B 69 18.29 -6.82 14.77
N ALA B 70 18.06 -6.23 15.94
CA ALA B 70 18.86 -5.08 16.34
C ALA B 70 20.34 -5.43 16.28
N LYS B 71 20.72 -6.52 16.93
CA LYS B 71 22.12 -6.92 16.93
C LYS B 71 22.57 -7.37 15.54
N ALA B 72 21.69 -7.99 14.76
CA ALA B 72 22.07 -8.45 13.43
C ALA B 72 22.47 -7.27 12.53
N ARG B 73 21.73 -6.17 12.65
CA ARG B 73 22.07 -4.98 11.87
C ARG B 73 23.29 -4.28 12.43
N ALA B 74 23.45 -4.30 13.77
CA ALA B 74 24.70 -3.81 14.35
C ALA B 74 25.88 -4.58 13.80
N ALA B 75 25.72 -5.88 13.60
CA ALA B 75 26.78 -6.73 13.05
C ALA B 75 27.09 -6.35 11.61
N GLN B 76 26.06 -6.24 10.77
CA GLN B 76 26.32 -5.86 9.37
C GLN B 76 26.94 -4.46 9.30
N SER B 77 26.56 -3.58 10.23
CA SER B 77 27.15 -2.25 10.30
C SER B 77 28.64 -2.31 10.64
N ALA B 78 28.98 -3.05 11.68
CA ALA B 78 30.37 -3.18 12.08
C ALA B 78 31.21 -3.78 10.96
N LEU B 79 30.69 -4.84 10.32
CA LEU B 79 31.44 -5.50 9.23
C LEU B 79 31.70 -4.54 8.08
N ALA B 80 30.64 -3.89 7.57
CA ALA B 80 30.81 -3.02 6.42
C ALA B 80 31.75 -1.86 6.73
N ALA B 81 31.67 -1.27 7.93
CA ALA B 81 32.52 -0.13 8.22
C ALA B 81 33.98 -0.55 8.46
N ILE B 82 34.19 -1.72 9.07
CA ILE B 82 35.54 -2.11 9.49
C ILE B 82 36.31 -2.75 8.35
N PHE B 83 35.78 -3.84 7.80
CA PHE B 83 36.57 -4.63 6.86
C PHE B 83 36.39 -4.12 5.44
N ASN B 84 35.15 -4.10 4.94
CA ASN B 84 34.80 -3.48 3.67
C ASN B 84 33.27 -3.35 3.59
N LEU B 85 32.82 -2.27 2.94
CA LEU B 85 31.40 -1.94 2.89
C LEU B 85 30.58 -3.09 2.31
N HIS B 86 29.44 -3.36 2.93
CA HIS B 86 28.66 -4.56 2.63
C HIS B 86 28.20 -4.57 1.17
N LEU B 87 28.36 -5.73 0.52
CA LEU B 87 27.80 -5.97 -0.82
C LEU B 87 26.39 -6.52 -0.65
N ASP B 88 25.39 -5.77 -1.14
CA ASP B 88 23.99 -6.10 -0.91
C ASP B 88 23.29 -6.23 -2.25
N GLN B 89 21.96 -6.30 -2.20
CA GLN B 89 21.17 -6.23 -3.41
C GLN B 89 21.42 -4.91 -4.12
N THR B 90 21.37 -4.94 -5.43
CA THR B 90 21.71 -3.73 -6.14
C THR B 90 20.70 -2.59 -5.94
N PRO B 91 19.37 -2.81 -5.95
CA PRO B 91 18.45 -1.65 -5.87
C PRO B 91 18.57 -0.88 -4.58
N SER B 92 19.07 -1.52 -3.50
CA SER B 92 19.36 -0.85 -2.24
C SER B 92 20.61 0.03 -2.30
N ARG B 93 21.35 0.00 -3.41
CA ARG B 93 22.44 0.94 -3.57
C ARG B 93 21.89 2.31 -3.96
N GLN B 94 22.55 3.35 -3.48
CA GLN B 94 22.34 4.78 -3.63
C GLN B 94 22.98 5.29 -4.92
N PRO B 95 22.27 6.15 -5.69
CA PRO B 95 22.91 6.88 -6.79
C PRO B 95 23.53 8.17 -6.34
N ILE B 96 24.81 8.32 -6.60
CA ILE B 96 25.51 9.57 -6.32
C ILE B 96 24.91 10.68 -7.19
N PRO B 97 24.90 11.95 -6.71
CA PRO B 97 24.34 13.05 -7.51
C PRO B 97 25.17 13.36 -8.75
N SER B 98 24.78 14.40 -9.49
CA SER B 98 25.62 14.90 -10.59
C SER B 98 26.99 15.30 -10.07
N GLU B 99 27.06 15.85 -8.86
CA GLU B 99 28.29 16.25 -8.22
C GLU B 99 28.17 16.02 -6.70
N GLY B 100 29.26 15.51 -6.10
CA GLY B 100 29.33 15.27 -4.68
C GLY B 100 29.44 13.83 -4.26
N LEU B 101 30.70 13.41 -4.02
CA LEU B 101 31.08 12.25 -3.22
C LEU B 101 31.92 12.73 -2.04
N GLN B 102 31.90 14.04 -1.80
CA GLN B 102 32.78 14.69 -0.82
C GLN B 102 32.38 14.38 0.61
N LEU B 103 31.06 14.28 0.87
CA LEU B 103 30.53 14.05 2.20
C LEU B 103 30.80 12.61 2.65
N HIS B 104 32.09 12.25 2.72
CA HIS B 104 32.55 10.87 2.91
C HIS B 104 31.78 9.91 1.98
N LEU B 105 31.53 8.67 2.41
CA LEU B 105 30.65 7.81 1.63
C LEU B 105 29.22 8.35 1.67
N PRO B 106 28.48 8.21 0.57
CA PRO B 106 27.05 8.60 0.62
C PRO B 106 26.25 7.84 1.68
N GLN B 107 26.54 6.55 1.88
CA GLN B 107 25.84 5.76 2.89
C GLN B 107 26.18 6.25 4.30
N VAL B 108 27.43 6.67 4.52
CA VAL B 108 27.78 7.21 5.82
C VAL B 108 27.09 8.55 6.05
N LEU B 109 26.95 9.35 4.99
CA LEU B 109 26.19 10.59 5.11
C LEU B 109 24.75 10.32 5.54
N ALA B 110 24.14 9.28 4.97
CA ALA B 110 22.77 8.90 5.32
C ALA B 110 22.67 8.48 6.78
N ASP B 111 23.60 7.64 7.23
CA ASP B 111 23.59 7.25 8.64
C ASP B 111 23.71 8.49 9.53
N ALA B 112 24.59 9.42 9.14
CA ALA B 112 24.80 10.63 9.92
C ALA B 112 23.53 11.44 10.03
N VAL B 113 22.92 11.79 8.89
CA VAL B 113 21.74 12.66 8.92
C VAL B 113 20.60 11.97 9.66
N SER B 114 20.44 10.67 9.45
CA SER B 114 19.37 9.93 10.10
C SER B 114 19.53 9.95 11.62
N ARG B 115 20.75 9.66 12.10
CA ARG B 115 21.00 9.71 13.54
C ARG B 115 20.77 11.13 14.07
N LEU B 116 21.12 12.16 13.28
CA LEU B 116 20.94 13.53 13.75
C LEU B 116 19.47 13.87 13.95
N VAL B 117 18.65 13.57 12.95
CA VAL B 117 17.23 13.87 13.06
C VAL B 117 16.59 13.05 14.17
N LEU B 118 16.98 11.78 14.33
CA LEU B 118 16.49 11.00 15.47
C LEU B 118 16.89 11.63 16.79
N GLY B 119 18.14 12.08 16.90
CA GLY B 119 18.60 12.67 18.15
C GLY B 119 17.85 13.94 18.49
N LYS B 120 17.66 14.83 17.50
CA LYS B 120 16.90 16.03 17.80
C LYS B 120 15.44 15.74 18.10
N PHE B 121 14.86 14.73 17.44
CA PHE B 121 13.50 14.32 17.78
C PHE B 121 13.42 13.82 19.22
N GLY B 122 14.42 13.05 19.64
CA GLY B 122 14.51 12.67 21.04
C GLY B 122 14.60 13.89 21.94
N ASP B 123 15.40 14.88 21.57
CA ASP B 123 15.49 16.06 22.41
C ASP B 123 14.15 16.76 22.55
N LEU B 124 13.46 16.95 21.42
CA LEU B 124 12.19 17.68 21.44
C LEU B 124 11.06 16.91 22.12
N THR B 125 11.15 15.58 22.19
CA THR B 125 10.06 14.74 22.68
C THR B 125 10.37 14.16 24.07
N ASP B 126 11.02 15.00 24.91
CA ASP B 126 11.57 14.66 26.24
C ASP B 126 12.15 13.25 26.23
N ASN B 127 13.00 13.02 25.25
CA ASN B 127 13.69 11.75 25.05
C ASN B 127 12.71 10.58 24.92
N PHE B 128 11.78 10.71 23.97
CA PHE B 128 10.84 9.69 23.50
C PHE B 128 9.83 9.25 24.53
N SER B 129 9.73 9.95 25.65
CA SER B 129 8.70 9.63 26.61
C SER B 129 7.44 10.45 26.39
N SER B 130 7.54 11.52 25.60
CA SER B 130 6.38 12.36 25.30
C SER B 130 5.38 11.57 24.43
N PRO B 131 4.08 11.86 24.55
CA PRO B 131 3.08 11.10 23.77
C PRO B 131 3.18 11.32 22.29
N HIS B 132 3.86 12.38 21.86
CA HIS B 132 4.05 12.70 20.45
C HIS B 132 5.24 11.98 19.85
N ALA B 133 6.02 11.28 20.65
CA ALA B 133 7.05 10.45 20.04
C ALA B 133 6.43 9.30 19.26
N ARG B 134 5.19 8.91 19.54
CA ARG B 134 4.56 7.93 18.66
C ARG B 134 4.24 8.64 17.36
N ARG B 135 4.95 8.28 16.28
CA ARG B 135 4.81 8.90 14.98
C ARG B 135 4.87 7.81 13.93
N LYS B 136 4.01 7.92 12.91
CA LYS B 136 4.16 6.94 11.84
C LYS B 136 5.28 7.35 10.91
N VAL B 137 5.45 8.65 10.66
CA VAL B 137 6.48 9.13 9.74
C VAL B 137 7.27 10.25 10.40
N LEU B 138 8.59 10.18 10.28
CA LEU B 138 9.50 11.20 10.78
C LEU B 138 10.26 11.84 9.61
N ALA B 139 10.31 13.17 9.58
CA ALA B 139 11.06 13.88 8.55
C ALA B 139 11.99 14.90 9.21
N GLY B 140 13.04 15.26 8.48
CA GLY B 140 13.97 16.26 8.98
C GLY B 140 14.73 16.94 7.87
N VAL B 141 15.18 18.17 8.17
CA VAL B 141 16.12 18.90 7.34
C VAL B 141 17.42 19.06 8.12
N VAL B 142 18.55 18.94 7.42
CA VAL B 142 19.86 19.05 8.03
C VAL B 142 20.70 20.01 7.20
N MET B 143 21.37 20.96 7.87
CA MET B 143 22.27 21.88 7.21
C MET B 143 23.72 21.49 7.52
N THR B 144 24.56 21.59 6.49
CA THR B 144 25.99 21.31 6.61
C THR B 144 26.79 22.44 5.99
N THR B 145 28.00 22.65 6.53
CA THR B 145 28.85 23.69 5.97
C THR B 145 30.25 23.18 5.65
N GLY B 146 30.65 22.05 6.21
CA GLY B 146 31.98 21.54 6.00
C GLY B 146 32.04 20.04 6.13
N THR B 147 32.90 19.44 5.30
CA THR B 147 32.89 17.99 5.12
C THR B 147 33.17 17.27 6.43
N ASP B 148 33.77 17.96 7.39
CA ASP B 148 33.98 17.32 8.67
C ASP B 148 32.63 17.08 9.32
N VAL B 149 32.51 15.95 10.03
CA VAL B 149 31.26 15.53 10.65
C VAL B 149 30.74 16.54 11.67
N LYS B 150 31.65 17.23 12.38
CA LYS B 150 31.22 18.21 13.38
C LYS B 150 30.39 19.34 12.76
N ASP B 151 30.71 19.71 11.51
CA ASP B 151 30.08 20.85 10.84
C ASP B 151 28.72 20.48 10.27
N ALA B 152 27.82 19.99 11.13
CA ALA B 152 26.51 19.51 10.71
C ALA B 152 25.47 19.76 11.79
N LYS B 153 24.33 20.38 11.44
CA LYS B 153 23.33 20.79 12.42
C LYS B 153 21.92 20.51 11.92
N VAL B 154 21.05 20.01 12.80
CA VAL B 154 19.67 19.70 12.43
C VAL B 154 18.86 20.99 12.36
N ILE B 155 18.39 21.33 11.15
CA ILE B 155 17.64 22.57 10.93
C ILE B 155 16.20 22.44 11.41
N SER B 156 15.54 21.34 11.05
CA SER B 156 14.15 21.20 11.45
C SER B 156 13.80 19.73 11.54
N VAL B 157 12.72 19.48 12.28
CA VAL B 157 12.24 18.14 12.59
C VAL B 157 10.72 18.17 12.49
N SER B 158 10.13 17.10 11.97
CA SER B 158 8.68 17.09 11.82
C SER B 158 8.14 15.67 11.73
N THR B 159 6.84 15.58 11.96
CA THR B 159 6.06 14.37 11.84
C THR B 159 4.75 14.73 11.17
N GLY B 160 4.08 13.71 10.63
CA GLY B 160 2.73 13.84 10.11
C GLY B 160 2.48 12.98 8.90
N THR B 161 1.25 12.53 8.76
CA THR B 161 0.88 11.71 7.61
C THR B 161 -0.56 11.99 7.22
N LYS B 162 -1.12 13.13 7.62
CA LYS B 162 -2.47 13.47 7.22
C LYS B 162 -2.51 14.88 6.66
N CYS B 163 -3.68 15.19 6.08
CA CYS B 163 -3.92 16.43 5.36
C CYS B 163 -5.17 17.10 5.89
N ILE B 164 -5.26 18.40 5.59
CA ILE B 164 -6.38 19.16 6.08
C ILE B 164 -7.59 18.50 5.45
N ASN B 165 -8.60 18.25 6.26
CA ASN B 165 -9.86 17.81 5.70
C ASN B 165 -10.45 18.99 4.95
N GLY B 166 -10.97 18.75 3.75
CA GLY B 166 -11.46 19.87 2.95
C GLY B 166 -12.52 20.68 3.64
N GLU B 167 -13.21 20.10 4.62
CA GLU B 167 -14.27 20.82 5.31
C GLU B 167 -13.72 21.93 6.19
N TYR B 168 -12.44 21.90 6.52
CA TYR B 168 -11.88 22.83 7.48
C TYR B 168 -10.85 23.76 6.87
N MET B 169 -10.80 23.86 5.55
CA MET B 169 -9.85 24.80 4.96
C MET B 169 -10.30 26.21 5.27
N SER B 170 -9.46 26.95 5.97
CA SER B 170 -9.71 28.35 6.28
C SER B 170 -9.02 29.13 5.17
N ASP B 171 -9.77 30.02 4.53
CA ASP B 171 -9.24 30.68 3.35
C ASP B 171 -8.15 31.69 3.69
N ARG B 172 -8.31 32.46 4.76
CA ARG B 172 -7.36 33.53 5.06
C ARG B 172 -6.08 32.99 5.71
N GLY B 173 -5.54 31.91 5.13
CA GLY B 173 -4.21 31.42 5.47
C GLY B 173 -4.04 30.91 6.87
N LEU B 174 -5.11 30.38 7.47
CA LEU B 174 -5.10 29.97 8.86
C LEU B 174 -5.13 28.46 9.06
N ALA B 175 -5.17 27.68 7.99
CA ALA B 175 -5.23 26.23 8.05
C ALA B 175 -4.07 25.64 7.25
N LEU B 176 -3.53 24.53 7.74
CA LEU B 176 -2.46 23.83 7.07
C LEU B 176 -3.04 22.81 6.09
N ASN B 177 -2.75 22.97 4.80
CA ASN B 177 -3.31 22.06 3.82
C ASN B 177 -2.72 20.66 3.95
N ASP B 178 -1.42 20.56 4.20
CA ASP B 178 -0.72 19.29 4.02
C ASP B 178 0.21 19.09 5.20
N CYS B 179 -0.09 18.13 6.05
CA CYS B 179 0.79 17.86 7.17
C CYS B 179 1.55 16.55 6.99
N HIS B 180 1.73 16.08 5.77
CA HIS B 180 2.70 15.02 5.65
C HIS B 180 4.02 15.59 6.13
N ALA B 181 4.80 14.73 6.79
CA ALA B 181 5.96 15.21 7.52
C ALA B 181 6.94 15.92 6.62
N GLU B 182 7.24 15.37 5.44
CA GLU B 182 8.29 15.99 4.63
C GLU B 182 7.88 17.39 4.18
N ILE B 183 6.60 17.58 3.87
CA ILE B 183 6.03 18.90 3.61
C ILE B 183 6.26 19.84 4.80
N ILE B 184 5.93 19.35 6.00
CA ILE B 184 6.10 20.18 7.18
C ILE B 184 7.57 20.54 7.38
N SER B 185 8.47 19.61 7.07
CA SER B 185 9.89 19.92 7.22
C SER B 185 10.33 21.02 6.27
N ARG B 186 9.82 21.00 5.03
CA ARG B 186 10.20 22.07 4.09
C ARG B 186 9.70 23.41 4.58
N ARG B 187 8.47 23.42 5.07
CA ARG B 187 7.92 24.69 5.56
C ARG B 187 8.70 25.22 6.77
N SER B 188 9.10 24.34 7.70
CA SER B 188 10.02 24.79 8.73
C SER B 188 11.35 25.26 8.14
N LEU B 189 11.80 24.64 7.05
CA LEU B 189 13.05 25.08 6.46
C LEU B 189 12.90 26.52 6.00
N LEU B 190 11.77 26.84 5.37
CA LEU B 190 11.50 28.24 5.00
C LEU B 190 11.49 29.12 6.23
N ARG B 191 10.92 28.62 7.31
CA ARG B 191 10.89 29.40 8.54
C ARG B 191 12.30 29.71 9.02
N PHE B 192 13.24 28.79 8.79
CA PHE B 192 14.66 28.99 9.09
C PHE B 192 15.36 29.93 8.10
N LEU B 193 14.97 29.82 6.82
CA LEU B 193 15.56 30.64 5.75
C LEU B 193 15.29 32.13 5.98
N TYR B 194 14.04 32.49 6.32
CA TYR B 194 13.72 33.89 6.61
C TYR B 194 14.56 34.42 7.77
N THR B 195 14.72 33.60 8.82
CA THR B 195 15.50 34.00 9.99
C THR B 195 16.96 34.24 9.61
N GLN B 196 17.52 33.41 8.74
CA GLN B 196 18.88 33.69 8.28
C GLN B 196 18.95 34.97 7.45
N LEU B 197 17.87 35.28 6.72
CA LEU B 197 17.80 36.53 5.97
C LEU B 197 17.80 37.74 6.89
N GLU B 198 16.97 37.71 7.94
CA GLU B 198 16.95 38.80 8.91
C GLU B 198 18.27 38.88 9.68
N LEU B 199 18.92 37.74 9.88
CA LEU B 199 20.26 37.76 10.47
C LEU B 199 21.21 38.55 9.60
N TYR B 200 21.20 38.30 8.30
CA TYR B 200 22.07 39.06 7.42
C TYR B 200 21.68 40.54 7.36
N LEU B 201 20.40 40.83 7.12
CA LEU B 201 19.90 42.21 7.00
C LEU B 201 19.28 42.71 8.31
N ASN B 202 20.01 42.52 9.39
CA ASN B 202 19.68 43.08 10.70
C ASN B 202 20.92 43.85 11.09
N ASN B 203 21.07 44.12 12.39
CA ASN B 203 22.33 44.68 12.88
C ASN B 203 23.47 43.94 12.17
N LYS B 204 24.29 44.68 11.42
CA LYS B 204 25.24 44.13 10.46
C LYS B 204 26.37 43.35 11.11
N ASP B 205 26.36 43.23 12.44
CA ASP B 205 27.27 42.32 13.11
C ASP B 205 26.86 40.87 12.89
N ASP B 206 25.63 40.64 12.47
CA ASP B 206 25.13 39.33 12.12
C ASP B 206 25.44 38.94 10.67
N GLN B 207 25.95 39.88 9.86
CA GLN B 207 26.27 39.59 8.45
C GLN B 207 27.49 38.67 8.29
N LYS B 208 28.45 38.69 9.22
CA LYS B 208 29.60 37.79 9.09
C LYS B 208 29.21 36.33 9.34
N ARG B 209 28.51 36.07 10.44
CA ARG B 209 27.96 34.75 10.73
C ARG B 209 26.57 34.72 10.11
N SER B 210 26.48 34.32 8.84
CA SER B 210 25.21 34.10 8.17
C SER B 210 25.41 33.10 7.04
N ILE B 211 24.32 32.44 6.63
CA ILE B 211 24.41 31.59 5.44
C ILE B 211 24.23 32.38 4.17
N PHE B 212 23.78 33.62 4.26
CA PHE B 212 23.52 34.42 3.07
C PHE B 212 24.68 35.32 2.65
N GLN B 213 24.54 35.80 1.43
CA GLN B 213 25.42 36.75 0.81
C GLN B 213 24.62 37.53 -0.21
N LYS B 214 25.10 38.72 -0.57
CA LYS B 214 24.60 39.37 -1.77
C LYS B 214 25.07 38.56 -2.97
N SER B 215 24.21 38.45 -3.98
CA SER B 215 24.50 37.51 -5.05
C SER B 215 25.48 38.10 -6.03
N GLU B 216 26.29 37.20 -6.59
CA GLU B 216 27.20 37.52 -7.68
C GLU B 216 26.47 37.86 -8.97
N ARG B 217 25.12 37.86 -8.94
CA ARG B 217 24.30 38.26 -10.09
C ARG B 217 23.25 39.32 -9.80
N GLY B 218 23.14 39.81 -8.56
CA GLY B 218 22.15 40.82 -8.22
C GLY B 218 20.97 40.26 -7.47
N GLY B 219 20.95 40.42 -6.14
CA GLY B 219 19.92 39.84 -5.29
C GLY B 219 20.53 39.19 -4.07
N PHE B 220 20.06 38.00 -3.68
CA PHE B 220 20.65 37.27 -2.56
C PHE B 220 20.93 35.82 -2.94
N ARG B 221 22.05 35.30 -2.43
CA ARG B 221 22.43 33.91 -2.66
C ARG B 221 22.94 33.30 -1.36
N LEU B 222 23.00 31.98 -1.35
CA LEU B 222 23.58 31.27 -0.22
C LEU B 222 25.10 31.30 -0.32
N LYS B 223 25.74 31.31 0.85
CA LYS B 223 27.19 31.18 0.88
C LYS B 223 27.64 29.88 0.22
N GLU B 224 28.89 29.87 -0.20
CA GLU B 224 29.41 28.69 -0.86
C GLU B 224 29.43 27.55 0.13
N ASN B 225 29.18 26.34 -0.38
CA ASN B 225 29.42 25.11 0.35
C ASN B 225 28.52 24.92 1.59
N VAL B 226 27.40 25.63 1.70
CA VAL B 226 26.40 25.38 2.75
C VAL B 226 25.26 24.63 2.08
N GLN B 227 24.99 23.40 2.52
CA GLN B 227 24.03 22.55 1.86
C GLN B 227 22.94 22.07 2.81
N PHE B 228 21.84 21.65 2.19
CA PHE B 228 20.69 21.13 2.90
C PHE B 228 20.39 19.71 2.41
N HIS B 229 20.08 18.83 3.35
CA HIS B 229 19.72 17.45 3.06
C HIS B 229 18.37 17.18 3.70
N LEU B 230 17.60 16.35 3.03
CA LEU B 230 16.26 16.03 3.44
C LEU B 230 16.24 14.57 3.88
N TYR B 231 15.59 14.32 5.01
CA TYR B 231 15.42 12.98 5.55
C TYR B 231 13.93 12.72 5.70
N ILE B 232 13.49 11.56 5.22
CA ILE B 232 12.17 11.02 5.52
C ILE B 232 12.35 9.62 6.08
N SER B 233 11.62 9.30 7.15
CA SER B 233 11.68 7.94 7.67
C SER B 233 11.18 6.93 6.64
N THR B 234 10.58 7.40 5.55
CA THR B 234 10.11 6.48 4.54
C THR B 234 10.11 7.18 3.18
N SER B 235 9.74 6.43 2.16
CA SER B 235 9.56 7.00 0.86
C SER B 235 8.32 7.89 0.80
N PRO B 236 8.40 9.00 0.07
CA PRO B 236 7.26 9.92 -0.04
C PRO B 236 6.11 9.30 -0.78
N CYS B 237 4.91 9.70 -0.41
CA CYS B 237 3.72 9.07 -0.99
C CYS B 237 3.63 9.35 -2.50
N GLY B 238 2.93 8.47 -3.18
CA GLY B 238 2.92 8.62 -4.60
C GLY B 238 4.02 7.84 -5.30
N ASP B 239 4.55 8.45 -6.36
CA ASP B 239 5.30 7.67 -7.33
C ASP B 239 6.54 6.99 -6.77
N ALA B 240 7.14 7.50 -5.71
CA ALA B 240 8.36 6.91 -5.19
C ALA B 240 8.09 5.67 -4.33
N ARG B 241 6.83 5.32 -4.11
CA ARG B 241 6.47 4.21 -3.24
C ARG B 241 5.74 3.12 -4.02
N ILE B 242 5.35 3.38 -5.26
CA ILE B 242 4.48 2.45 -5.97
C ILE B 242 5.33 1.32 -6.55
N PHE B 243 5.60 0.29 -5.75
CA PHE B 243 6.44 -0.82 -6.13
C PHE B 243 6.39 -1.86 -5.03
N SER B 244 6.72 -3.07 -5.39
CA SER B 244 6.68 -4.18 -4.44
C SER B 244 8.04 -4.35 -3.80
N PRO B 245 8.19 -4.05 -2.51
CA PRO B 245 9.54 -4.08 -1.91
C PRO B 245 10.15 -5.47 -1.87
N HIS B 246 9.35 -6.53 -2.00
CA HIS B 246 9.90 -7.88 -1.99
C HIS B 246 9.97 -8.49 -3.39
N GLU B 247 9.88 -7.68 -4.45
CA GLU B 247 10.16 -8.12 -5.82
C GLU B 247 10.87 -7.02 -6.60
N PRO B 248 12.07 -6.61 -6.20
CA PRO B 248 12.79 -5.59 -7.00
C PRO B 248 13.37 -6.27 -8.23
N ILE B 249 13.32 -5.54 -9.36
CA ILE B 249 13.80 -6.09 -10.62
C ILE B 249 13.64 -5.18 -11.85
N ALA B 262 5.70 0.85 -18.10
CA ALA B 262 6.50 1.99 -17.63
C ALA B 262 5.55 3.14 -17.27
N ARG B 263 5.40 3.46 -15.97
CA ARG B 263 4.45 4.46 -15.46
C ARG B 263 5.08 5.30 -14.33
N GLY B 264 4.85 6.62 -14.35
CA GLY B 264 5.38 7.62 -13.41
C GLY B 264 4.43 8.77 -13.09
N GLN B 265 3.13 8.49 -13.21
CA GLN B 265 2.04 9.48 -13.12
C GLN B 265 2.08 10.30 -11.84
N LEU B 266 1.46 11.47 -11.93
CA LEU B 266 1.11 12.28 -10.78
C LEU B 266 -0.08 11.66 -10.05
N ARG B 267 -0.08 11.80 -8.74
CA ARG B 267 -1.11 11.22 -7.91
C ARG B 267 -1.55 12.28 -6.92
N THR B 268 -2.82 12.23 -6.54
CA THR B 268 -3.31 13.13 -5.50
C THR B 268 -3.61 12.37 -4.20
N LYS B 269 -3.40 13.04 -3.06
CA LYS B 269 -3.78 12.45 -1.78
C LYS B 269 -5.28 12.26 -1.61
N ILE B 270 -5.63 11.25 -0.80
CA ILE B 270 -7.01 10.88 -0.50
C ILE B 270 -7.46 11.67 0.72
N GLU B 271 -8.79 11.80 0.87
CA GLU B 271 -9.37 12.68 1.88
C GLU B 271 -8.76 12.48 3.26
N SER B 272 -8.21 13.56 3.79
CA SER B 272 -7.63 13.63 5.15
C SER B 272 -6.89 12.33 5.45
N GLY B 273 -5.98 11.95 4.57
CA GLY B 273 -5.46 10.61 4.68
C GLY B 273 -4.12 10.31 4.04
N GLN B 274 -3.61 9.14 4.44
CA GLN B 274 -2.39 8.56 3.92
C GLN B 274 -2.78 7.73 2.69
N GLY B 275 -1.94 7.77 1.67
CA GLY B 275 -2.20 7.05 0.44
C GLY B 275 -2.70 7.99 -0.65
N THR B 276 -2.34 7.68 -1.91
CA THR B 276 -2.61 8.57 -3.03
C THR B 276 -3.24 7.83 -4.19
N ILE B 277 -4.03 8.56 -4.95
CA ILE B 277 -4.60 8.08 -6.22
C ILE B 277 -3.98 8.81 -7.43
N PRO B 278 -3.76 8.16 -8.57
CA PRO B 278 -3.26 8.91 -9.72
C PRO B 278 -4.33 9.83 -10.28
N VAL B 279 -3.88 10.87 -10.96
CA VAL B 279 -4.81 11.86 -11.51
C VAL B 279 -5.46 11.30 -12.77
N ARG B 280 -6.65 11.82 -13.10
CA ARG B 280 -7.47 11.20 -14.12
C ARG B 280 -6.78 11.16 -15.49
N SER B 281 -6.59 12.31 -16.12
CA SER B 281 -5.94 12.32 -17.43
C SER B 281 -5.46 13.72 -17.76
N ASN B 282 -6.22 14.44 -18.59
CA ASN B 282 -5.80 15.74 -19.08
C ASN B 282 -6.11 16.82 -18.05
N GLU B 295 -17.87 17.18 -6.00
CA GLU B 295 -16.55 16.56 -6.04
C GLU B 295 -15.51 17.44 -5.37
N ARG B 296 -14.86 16.88 -4.35
CA ARG B 296 -13.94 17.52 -3.42
C ARG B 296 -12.54 17.76 -4.02
N LEU B 297 -11.87 18.78 -3.48
CA LEU B 297 -10.54 19.23 -3.88
C LEU B 297 -9.40 18.30 -3.42
N LEU B 298 -8.41 18.13 -4.29
CA LEU B 298 -7.22 17.32 -4.08
C LEU B 298 -5.97 18.14 -3.75
N THR B 299 -5.08 17.53 -2.98
CA THR B 299 -3.73 18.03 -2.70
C THR B 299 -2.75 17.10 -3.41
N MET B 300 -1.72 17.67 -4.05
CA MET B 300 -0.74 16.86 -4.76
C MET B 300 0.01 15.91 -3.81
N SER B 301 0.44 14.75 -4.35
CA SER B 301 1.22 13.79 -3.57
C SER B 301 2.60 14.33 -3.21
N CYS B 302 3.19 13.69 -2.19
CA CYS B 302 4.51 14.13 -1.70
C CYS B 302 5.63 13.88 -2.70
N SER B 303 5.56 12.78 -3.49
CA SER B 303 6.51 12.57 -4.59
C SER B 303 6.43 13.68 -5.62
N ASP B 304 5.19 14.06 -6.00
CA ASP B 304 5.04 15.14 -6.95
C ASP B 304 5.66 16.42 -6.38
N LYS B 305 5.33 16.75 -5.12
CA LYS B 305 5.83 18.00 -4.52
C LYS B 305 7.34 18.01 -4.46
N ILE B 306 7.96 16.86 -4.18
CA ILE B 306 9.40 16.79 -4.12
C ILE B 306 10.00 17.04 -5.50
N ALA B 307 9.36 16.51 -6.54
CA ALA B 307 9.77 16.86 -7.90
C ALA B 307 9.75 18.38 -8.10
N ARG B 308 8.61 18.99 -7.80
CA ARG B 308 8.47 20.44 -7.93
C ARG B 308 9.61 21.16 -7.24
N TRP B 309 9.95 20.75 -6.00
CA TRP B 309 11.09 21.38 -5.33
C TRP B 309 12.38 21.10 -6.07
N ASN B 310 12.46 19.98 -6.79
CA ASN B 310 13.68 19.69 -7.53
C ASN B 310 13.77 20.49 -8.83
N VAL B 311 12.73 21.23 -9.15
CA VAL B 311 12.75 22.10 -10.32
C VAL B 311 12.79 23.57 -9.91
N VAL B 312 11.82 24.03 -9.12
CA VAL B 312 11.66 25.44 -8.81
C VAL B 312 12.23 25.81 -7.43
N GLY B 313 12.96 24.88 -6.80
CA GLY B 313 13.59 25.14 -5.52
C GLY B 313 12.64 24.96 -4.34
N ILE B 314 13.26 24.83 -3.15
CA ILE B 314 12.49 24.63 -1.93
C ILE B 314 12.00 25.92 -1.32
N GLN B 315 12.41 27.07 -1.88
CA GLN B 315 12.11 28.33 -1.23
C GLN B 315 10.73 28.85 -1.58
N GLY B 316 10.14 28.39 -2.67
CA GLY B 316 8.84 28.90 -3.04
C GLY B 316 8.95 30.28 -3.68
N SER B 317 7.78 30.86 -3.98
CA SER B 317 7.72 32.05 -4.81
C SER B 317 8.17 33.31 -4.08
N LEU B 318 7.55 33.61 -2.93
CA LEU B 318 7.92 34.80 -2.17
C LEU B 318 9.42 34.84 -1.88
N LEU B 319 9.97 33.73 -1.40
CA LEU B 319 11.40 33.70 -1.11
C LEU B 319 12.23 33.85 -2.37
N SER B 320 11.69 33.41 -3.51
CA SER B 320 12.41 33.56 -4.76
C SER B 320 12.58 35.03 -5.10
N ILE B 321 11.64 35.88 -4.67
CA ILE B 321 11.78 37.30 -4.96
C ILE B 321 13.05 37.84 -4.31
N PHE B 322 13.58 37.14 -3.31
CA PHE B 322 14.75 37.62 -2.59
C PHE B 322 15.99 36.76 -2.78
N VAL B 323 15.90 35.45 -2.62
CA VAL B 323 17.07 34.61 -2.70
C VAL B 323 17.12 33.94 -4.07
N GLU B 324 18.32 33.56 -4.51
CA GLU B 324 18.44 32.70 -5.67
C GLU B 324 17.96 31.30 -5.29
N PRO B 325 17.57 30.47 -6.27
CA PRO B 325 16.96 29.17 -5.95
C PRO B 325 17.90 28.27 -5.16
N ILE B 326 17.32 27.48 -4.24
CA ILE B 326 18.06 26.55 -3.41
C ILE B 326 17.54 25.14 -3.61
N TYR B 327 18.47 24.19 -3.70
CA TYR B 327 18.14 22.81 -4.03
C TYR B 327 18.71 21.87 -2.97
N PHE B 328 17.92 20.88 -2.61
CA PHE B 328 18.44 19.84 -1.75
C PHE B 328 19.57 19.10 -2.44
N SER B 329 20.64 18.84 -1.69
CA SER B 329 21.78 18.14 -2.25
C SER B 329 21.61 16.63 -2.12
N SER B 330 20.84 16.17 -1.13
CA SER B 330 20.63 14.75 -0.89
C SER B 330 19.23 14.47 -0.33
N ILE B 331 18.77 13.24 -0.54
CA ILE B 331 17.51 12.77 0.00
C ILE B 331 17.77 11.42 0.70
N ILE B 332 17.38 11.34 1.96
CA ILE B 332 17.72 10.18 2.78
C ILE B 332 16.40 9.52 3.18
N LEU B 333 16.30 8.22 2.90
CA LEU B 333 15.07 7.47 3.16
C LEU B 333 15.29 6.48 4.28
N GLY B 334 14.48 6.60 5.33
CA GLY B 334 14.60 5.67 6.44
C GLY B 334 14.23 4.25 6.06
N SER B 335 13.24 4.11 5.19
CA SER B 335 12.72 2.82 4.79
C SER B 335 12.16 2.95 3.39
N LEU B 336 11.87 1.80 2.78
CA LEU B 336 11.16 1.74 1.50
C LEU B 336 11.97 2.42 0.42
N TYR B 337 13.28 2.30 0.48
CA TYR B 337 14.13 2.86 -0.54
C TYR B 337 14.30 1.85 -1.65
N HIS B 338 14.05 2.29 -2.88
CA HIS B 338 14.39 1.55 -4.10
C HIS B 338 15.02 2.56 -5.05
N GLY B 339 16.31 2.44 -5.32
CA GLY B 339 17.02 3.51 -6.03
C GLY B 339 16.35 3.86 -7.35
N ASP B 340 15.89 2.83 -8.07
CA ASP B 340 15.28 3.06 -9.36
C ASP B 340 14.00 3.89 -9.24
N HIS B 341 13.07 3.45 -8.41
CA HIS B 341 11.78 4.13 -8.30
C HIS B 341 11.93 5.51 -7.72
N LEU B 342 12.82 5.66 -6.75
CA LEU B 342 13.07 6.97 -6.16
C LEU B 342 13.57 7.95 -7.21
N SER B 343 14.57 7.52 -7.98
CA SER B 343 15.14 8.34 -9.04
C SER B 343 14.10 8.69 -10.09
N ARG B 344 13.29 7.70 -10.49
CA ARG B 344 12.21 7.99 -11.41
C ARG B 344 11.33 9.10 -10.90
N ALA B 345 10.87 8.97 -9.64
CA ALA B 345 9.85 9.88 -9.13
C ALA B 345 10.41 11.26 -8.78
N MET B 346 11.69 11.36 -8.41
CA MET B 346 12.22 12.63 -7.92
C MET B 346 12.59 13.59 -9.06
N TYR B 347 13.37 13.13 -10.05
CA TYR B 347 13.69 13.99 -11.20
C TYR B 347 13.59 13.27 -12.56
N GLN B 348 13.88 11.96 -12.63
CA GLN B 348 14.07 11.34 -13.94
C GLN B 348 12.78 11.36 -14.76
N ARG B 349 11.62 11.17 -14.11
CA ARG B 349 10.38 11.14 -14.85
C ARG B 349 10.11 12.43 -15.64
N ILE B 350 10.72 13.56 -15.26
CA ILE B 350 10.52 14.82 -15.98
C ILE B 350 11.83 15.28 -16.62
N SER B 351 12.63 14.32 -17.07
CA SER B 351 13.80 14.63 -17.88
C SER B 351 13.47 15.16 -19.27
N ASN B 352 12.19 15.17 -19.67
CA ASN B 352 11.80 15.82 -20.91
C ASN B 352 11.69 17.34 -20.78
N ILE B 353 12.20 17.92 -19.69
CA ILE B 353 12.01 19.34 -19.40
C ILE B 353 13.08 20.17 -20.11
N GLU B 354 12.69 21.35 -20.60
CA GLU B 354 13.60 22.24 -21.31
C GLU B 354 13.27 23.68 -20.98
N ASP B 355 14.04 24.59 -21.56
CA ASP B 355 13.82 26.02 -21.37
C ASP B 355 13.99 26.36 -19.89
N LEU B 356 15.14 25.98 -19.35
CA LEU B 356 15.45 26.25 -17.95
C LEU B 356 15.62 27.74 -17.73
N PRO B 357 14.75 28.38 -16.95
CA PRO B 357 14.94 29.82 -16.60
C PRO B 357 16.32 30.10 -16.05
N PRO B 358 16.76 31.36 -16.08
CA PRO B 358 18.11 31.65 -15.58
C PRO B 358 18.18 31.30 -14.11
N LEU B 359 19.20 30.52 -13.73
CA LEU B 359 19.39 30.00 -12.36
C LEU B 359 18.43 28.87 -11.94
N TYR B 360 17.72 28.23 -12.86
CA TYR B 360 16.97 27.02 -12.52
C TYR B 360 17.56 25.81 -13.23
N THR B 361 17.40 24.63 -12.62
CA THR B 361 17.86 23.40 -13.26
C THR B 361 16.98 22.25 -12.78
N LEU B 362 17.09 21.12 -13.46
CA LEU B 362 16.48 19.90 -12.96
C LEU B 362 17.47 19.34 -11.95
N ASN B 363 17.14 19.53 -10.69
CA ASN B 363 18.05 19.21 -9.61
C ASN B 363 18.13 17.70 -9.43
N LYS B 364 19.33 17.16 -9.53
CA LYS B 364 19.40 15.71 -9.29
C LYS B 364 20.20 15.40 -8.02
N PRO B 365 19.56 15.42 -6.84
CA PRO B 365 20.29 15.22 -5.59
C PRO B 365 20.65 13.76 -5.41
N LEU B 366 21.45 13.54 -4.35
CA LEU B 366 21.80 12.20 -3.92
C LEU B 366 20.59 11.47 -3.35
N LEU B 367 20.41 10.22 -3.73
CA LEU B 367 19.36 9.39 -3.16
C LEU B 367 20.01 8.27 -2.38
N SER B 368 19.51 8.00 -1.18
CA SER B 368 20.08 6.93 -0.37
C SER B 368 19.11 6.56 0.73
N GLY B 369 19.12 5.29 1.07
CA GLY B 369 18.47 4.82 2.28
C GLY B 369 19.49 4.71 3.40
N ILE B 370 18.99 4.38 4.57
CA ILE B 370 19.86 4.24 5.71
C ILE B 370 20.20 2.76 5.89
N SER B 371 21.28 2.51 6.64
CA SER B 371 21.76 1.16 6.88
C SER B 371 20.75 0.36 7.68
N ASN B 372 20.27 0.93 8.79
CA ASN B 372 19.31 0.22 9.64
C ASN B 372 17.92 0.78 9.39
N ALA B 373 17.24 0.20 8.41
CA ALA B 373 15.95 0.67 7.94
C ALA B 373 14.86 0.44 8.97
N GLU B 374 13.88 1.33 8.98
CA GLU B 374 12.75 1.18 9.87
C GLU B 374 11.82 0.10 9.30
N ALA B 375 10.91 -0.37 10.13
CA ALA B 375 10.04 -1.48 9.75
C ALA B 375 8.58 -1.04 9.82
N ARG B 376 7.72 -1.74 9.06
CA ARG B 376 6.31 -1.37 8.96
C ARG B 376 5.51 -1.59 10.26
N GLN B 377 4.74 -0.57 10.62
CA GLN B 377 3.76 -0.60 11.70
C GLN B 377 2.37 -0.67 11.06
N PRO B 378 1.71 -1.80 11.08
CA PRO B 378 0.31 -1.80 10.63
C PRO B 378 -0.55 -1.07 11.68
N GLY B 379 -1.49 -0.25 11.19
CA GLY B 379 -2.41 0.46 12.05
C GLY B 379 -2.75 1.83 11.52
N LYS B 380 -3.73 2.51 12.13
CA LYS B 380 -4.05 3.89 11.78
C LYS B 380 -2.91 4.85 12.17
N ALA B 381 -2.81 5.98 11.40
CA ALA B 381 -1.96 7.16 11.46
C ALA B 381 -2.50 8.20 12.43
N PRO B 382 -1.61 8.86 13.21
CA PRO B 382 -2.04 9.91 14.14
C PRO B 382 -2.69 11.09 13.44
N ASN B 383 -3.50 11.83 14.19
CA ASN B 383 -4.13 13.02 13.64
C ASN B 383 -3.31 14.28 13.84
N PHE B 384 -2.09 14.15 14.36
CA PHE B 384 -1.28 15.32 14.66
C PHE B 384 -0.03 15.33 13.79
N SER B 385 0.50 16.51 13.68
CA SER B 385 1.74 16.81 12.99
C SER B 385 2.61 17.54 13.99
N VAL B 386 3.89 17.19 14.02
CA VAL B 386 4.81 17.90 14.92
C VAL B 386 5.83 18.64 14.08
N ASN B 387 6.06 19.92 14.41
CA ASN B 387 7.08 20.69 13.70
C ASN B 387 7.99 21.39 14.71
N TRP B 388 9.25 21.57 14.32
CA TRP B 388 10.20 22.30 15.15
C TRP B 388 11.29 22.80 14.23
N THR B 389 11.75 24.02 14.45
CA THR B 389 12.91 24.53 13.72
C THR B 389 14.01 24.95 14.69
N VAL B 390 15.25 24.92 14.20
CA VAL B 390 16.39 25.38 14.99
C VAL B 390 16.12 26.79 15.50
N GLY B 391 16.54 27.05 16.73
CA GLY B 391 16.29 28.31 17.38
C GLY B 391 14.95 28.37 18.06
N ASP B 392 14.17 27.29 18.02
CA ASP B 392 12.84 27.32 18.61
C ASP B 392 12.85 26.83 20.04
N SER B 393 11.88 27.32 20.79
CA SER B 393 11.73 26.93 22.19
C SER B 393 11.25 25.48 22.32
N ALA B 394 10.05 25.19 21.82
CA ALA B 394 9.48 23.85 21.93
C ALA B 394 8.97 23.38 20.57
N ILE B 395 8.49 22.13 20.55
CA ILE B 395 7.80 21.67 19.36
C ILE B 395 6.46 22.39 19.29
N GLU B 396 5.89 22.37 18.10
CA GLU B 396 4.53 22.81 17.86
C GLU B 396 3.71 21.59 17.41
N VAL B 397 2.48 21.50 17.91
CA VAL B 397 1.58 20.38 17.65
C VAL B 397 0.34 20.89 16.91
N ILE B 398 0.13 20.38 15.66
CA ILE B 398 -1.03 20.71 14.83
C ILE B 398 -1.88 19.46 14.63
N ASN B 399 -3.19 19.64 14.64
CA ASN B 399 -4.12 18.58 14.27
C ASN B 399 -4.17 18.52 12.75
N ALA B 400 -3.68 17.40 12.19
CA ALA B 400 -3.48 17.29 10.74
C ALA B 400 -4.79 17.40 9.99
N THR B 401 -5.87 16.93 10.60
CA THR B 401 -7.16 16.95 9.95
C THR B 401 -7.80 18.35 9.89
N THR B 402 -7.41 19.28 10.78
CA THR B 402 -7.90 20.66 10.73
C THR B 402 -6.87 21.71 10.38
N GLY B 403 -5.58 21.38 10.47
CA GLY B 403 -4.58 22.33 10.06
C GLY B 403 -4.46 23.52 10.96
N LYS B 404 -5.29 23.60 12.00
CA LYS B 404 -5.12 24.55 13.07
C LYS B 404 -4.58 23.77 14.26
N ASP B 405 -4.10 24.50 15.27
CA ASP B 405 -3.31 23.81 16.28
C ASP B 405 -4.19 23.04 17.25
N GLU B 406 -3.53 22.41 18.24
CA GLU B 406 -4.25 21.56 19.18
C GLU B 406 -5.31 22.34 19.93
N LEU B 407 -5.05 23.63 20.17
CA LEU B 407 -5.95 24.56 20.83
C LEU B 407 -6.94 25.24 19.89
N GLY B 408 -6.63 25.36 18.61
CA GLY B 408 -7.48 26.05 17.65
C GLY B 408 -6.86 27.27 17.00
N ARG B 409 -5.62 27.64 17.32
CA ARG B 409 -4.92 28.79 16.74
C ARG B 409 -4.22 28.40 15.45
N ALA B 410 -4.02 29.38 14.59
CA ALA B 410 -3.23 29.09 13.39
C ALA B 410 -1.77 28.86 13.79
N SER B 411 -1.01 28.32 12.84
CA SER B 411 0.32 27.77 13.03
C SER B 411 1.44 28.79 12.78
N ARG B 412 2.59 28.53 13.40
CA ARG B 412 3.80 29.25 13.00
C ARG B 412 4.28 28.86 11.61
N LEU B 413 3.52 28.02 10.91
CA LEU B 413 3.92 27.45 9.64
C LEU B 413 2.89 27.65 8.52
N CYS B 414 1.75 28.30 8.79
CA CYS B 414 0.71 28.44 7.77
C CYS B 414 0.96 29.66 6.89
N LYS B 415 0.18 29.76 5.81
CA LYS B 415 0.35 30.81 4.79
C LYS B 415 0.40 32.20 5.42
N HIS B 416 -0.55 32.50 6.31
CA HIS B 416 -0.66 33.85 6.85
C HIS B 416 0.59 34.26 7.61
N ALA B 417 1.06 33.39 8.52
CA ALA B 417 2.24 33.70 9.33
C ALA B 417 3.49 33.89 8.47
N LEU B 418 3.61 33.07 7.43
CA LEU B 418 4.75 33.16 6.54
C LEU B 418 4.71 34.47 5.76
N TYR B 419 3.52 34.89 5.34
CA TYR B 419 3.41 36.18 4.66
C TYR B 419 3.83 37.33 5.57
N CYS B 420 3.42 37.29 6.84
CA CYS B 420 3.82 38.38 7.73
C CYS B 420 5.34 38.43 7.88
N ARG B 421 5.99 37.27 8.06
CA ARG B 421 7.45 37.30 8.12
C ARG B 421 8.06 37.80 6.81
N TRP B 422 7.42 37.47 5.69
CA TRP B 422 7.88 37.97 4.41
C TRP B 422 7.76 39.48 4.34
N MET B 423 6.69 40.03 4.92
CA MET B 423 6.48 41.48 4.94
C MET B 423 7.50 42.17 5.82
N ARG B 424 7.78 41.58 6.99
CA ARG B 424 8.87 42.06 7.83
C ARG B 424 10.14 42.16 6.98
N VAL B 425 10.45 41.10 6.25
CA VAL B 425 11.68 41.08 5.45
C VAL B 425 11.60 42.11 4.33
N HIS B 426 10.44 42.29 3.71
CA HIS B 426 10.33 43.29 2.65
C HIS B 426 10.49 44.70 3.22
N GLY B 427 10.08 44.93 4.46
CA GLY B 427 10.28 46.26 4.99
C GLY B 427 11.74 46.65 5.13
N LYS B 428 12.48 45.98 6.01
CA LYS B 428 13.87 46.37 6.28
C LYS B 428 14.87 45.94 5.20
N VAL B 429 14.39 45.51 4.04
CA VAL B 429 15.29 45.13 2.94
C VAL B 429 15.60 46.39 2.13
N PRO B 430 16.85 46.59 1.74
CA PRO B 430 17.15 47.61 0.72
C PRO B 430 16.28 47.43 -0.53
N SER B 431 15.72 48.56 -1.00
CA SER B 431 14.76 48.59 -2.10
C SER B 431 15.32 48.13 -3.44
N HIS B 432 16.64 48.06 -3.57
CA HIS B 432 17.29 47.68 -4.82
C HIS B 432 17.77 46.23 -4.85
N LEU B 433 17.82 45.55 -3.70
CA LEU B 433 18.24 44.15 -3.65
C LEU B 433 17.15 43.19 -4.12
N LEU B 434 15.91 43.67 -4.26
CA LEU B 434 14.79 42.87 -4.73
C LEU B 434 15.07 42.40 -6.16
N ARG B 435 14.59 41.20 -6.52
CA ARG B 435 14.84 40.68 -7.86
C ARG B 435 13.81 41.10 -8.92
N SER B 436 12.56 41.35 -8.54
CA SER B 436 11.63 41.97 -9.46
C SER B 436 11.15 43.27 -8.84
N LYS B 437 10.43 44.08 -9.63
CA LYS B 437 9.91 45.34 -9.12
C LYS B 437 8.67 45.04 -8.28
N ILE B 438 8.90 44.32 -7.18
CA ILE B 438 7.83 44.05 -6.24
C ILE B 438 7.64 45.37 -5.49
N THR B 439 6.66 46.14 -5.93
CA THR B 439 6.31 47.37 -5.27
C THR B 439 5.36 47.03 -4.12
N LYS B 440 5.34 47.90 -3.09
CA LYS B 440 4.73 47.61 -1.80
C LYS B 440 3.45 46.78 -1.95
N PRO B 441 3.54 45.48 -1.64
CA PRO B 441 2.44 44.55 -1.93
C PRO B 441 1.27 44.60 -0.95
N ASN B 442 0.12 44.18 -1.46
CA ASN B 442 -1.14 44.16 -0.71
C ASN B 442 -1.74 42.78 -0.51
N VAL B 443 -1.57 41.84 -1.45
CA VAL B 443 -2.23 40.53 -1.34
C VAL B 443 -1.25 39.38 -1.49
N TYR B 444 -1.56 38.27 -0.79
CA TYR B 444 -0.66 37.12 -0.73
C TYR B 444 -0.42 36.54 -2.12
N HIS B 445 -1.49 36.25 -2.86
CA HIS B 445 -1.36 35.69 -4.20
C HIS B 445 -0.55 36.61 -5.11
N GLU B 446 -0.88 37.90 -5.15
CA GLU B 446 -0.20 38.81 -6.06
C GLU B 446 1.29 38.92 -5.74
N SER B 447 1.63 39.04 -4.45
CA SER B 447 3.03 39.09 -4.03
C SER B 447 3.77 37.85 -4.52
N LYS B 448 3.13 36.68 -4.38
CA LYS B 448 3.63 35.43 -4.96
C LYS B 448 3.83 35.57 -6.47
N LEU B 449 2.87 36.22 -7.13
CA LEU B 449 2.88 36.44 -8.57
C LEU B 449 4.03 37.31 -9.04
N ALA B 450 4.53 38.17 -8.16
CA ALA B 450 5.66 39.01 -8.52
C ALA B 450 6.92 38.20 -8.84
N ALA B 451 6.93 36.89 -8.58
CA ALA B 451 8.12 36.08 -8.81
C ALA B 451 8.06 35.49 -10.23
N LYS B 452 8.19 36.40 -11.21
CA LYS B 452 7.96 36.07 -12.60
C LYS B 452 8.80 34.86 -13.03
N GLU B 453 10.02 34.80 -12.54
CA GLU B 453 10.96 33.79 -13.02
C GLU B 453 10.67 32.43 -12.39
N TYR B 454 10.40 32.45 -11.08
CA TYR B 454 9.90 31.27 -10.41
C TYR B 454 8.67 30.72 -11.13
N GLN B 455 7.73 31.59 -11.48
CA GLN B 455 6.52 31.17 -12.17
C GLN B 455 6.85 30.59 -13.54
N ALA B 456 7.87 31.12 -14.22
CA ALA B 456 8.29 30.53 -15.48
C ALA B 456 8.74 29.10 -15.27
N ALA B 457 9.49 28.88 -14.19
CA ALA B 457 9.95 27.54 -13.84
C ALA B 457 8.77 26.60 -13.58
N LYS B 458 7.77 27.08 -12.83
CA LYS B 458 6.54 26.31 -12.61
C LYS B 458 5.88 25.94 -13.92
N ALA B 459 5.84 26.90 -14.85
CA ALA B 459 5.21 26.67 -16.14
C ALA B 459 5.90 25.54 -16.88
N ARG B 460 7.23 25.57 -16.90
CA ARG B 460 7.92 24.55 -17.68
C ARG B 460 7.85 23.17 -17.01
N LEU B 461 7.78 23.14 -15.66
CA LEU B 461 7.60 21.88 -14.91
C LEU B 461 6.25 21.25 -15.23
N PHE B 462 5.18 22.04 -15.21
CA PHE B 462 3.88 21.52 -15.61
C PHE B 462 3.90 21.06 -17.06
N THR B 463 4.63 21.80 -17.91
CA THR B 463 4.76 21.35 -19.29
C THR B 463 5.42 19.98 -19.33
N ALA B 464 6.51 19.83 -18.58
CA ALA B 464 7.24 18.57 -18.65
C ALA B 464 6.32 17.43 -18.27
N PHE B 465 5.48 17.64 -17.24
CA PHE B 465 4.55 16.60 -16.80
C PHE B 465 3.49 16.27 -17.85
N ILE B 466 2.85 17.28 -18.44
CA ILE B 466 1.84 16.97 -19.46
C ILE B 466 2.48 16.36 -20.70
N LYS B 467 3.57 16.96 -21.18
CA LYS B 467 4.30 16.39 -22.31
C LYS B 467 4.78 14.96 -22.03
N ALA B 468 5.03 14.61 -20.78
CA ALA B 468 5.43 13.23 -20.51
C ALA B 468 4.25 12.26 -20.44
N GLY B 469 3.01 12.76 -20.46
CA GLY B 469 1.86 11.90 -20.27
C GLY B 469 1.59 11.54 -18.83
N LEU B 470 2.06 12.34 -17.89
CA LEU B 470 1.91 12.05 -16.47
C LEU B 470 0.77 12.81 -15.85
N GLY B 471 0.03 13.57 -16.62
CA GLY B 471 -1.11 14.28 -16.07
C GLY B 471 -0.84 15.74 -15.76
N ALA B 472 -1.93 16.39 -15.36
CA ALA B 472 -1.98 17.80 -15.09
C ALA B 472 -2.08 18.06 -13.59
N TRP B 473 -1.10 18.79 -13.07
CA TRP B 473 -1.06 19.23 -11.68
C TRP B 473 -2.40 19.80 -11.28
N VAL B 474 -2.72 19.67 -10.00
CA VAL B 474 -3.99 20.14 -9.47
C VAL B 474 -3.71 21.41 -8.70
N GLU B 475 -4.09 22.55 -9.29
CA GLU B 475 -3.83 23.81 -8.65
C GLU B 475 -4.90 24.07 -7.61
N LYS B 476 -4.49 24.72 -6.53
CA LYS B 476 -5.38 24.89 -5.43
C LYS B 476 -6.48 25.88 -5.82
N PRO B 477 -7.56 25.98 -5.05
CA PRO B 477 -8.51 27.05 -5.32
C PRO B 477 -7.73 28.34 -5.14
N THR B 478 -7.83 29.22 -6.13
CA THR B 478 -7.04 30.44 -6.10
C THR B 478 -7.43 31.34 -4.94
N GLU B 479 -8.71 31.32 -4.59
CA GLU B 479 -9.26 32.09 -3.49
C GLU B 479 -8.63 31.72 -2.15
N GLN B 480 -7.91 30.60 -2.09
CA GLN B 480 -7.25 30.17 -0.86
C GLN B 480 -6.06 31.06 -0.54
N ASP B 481 -5.68 31.94 -1.47
CA ASP B 481 -4.65 32.94 -1.23
C ASP B 481 -5.19 34.37 -1.21
N GLN B 482 -6.47 34.60 -1.53
CA GLN B 482 -7.03 35.95 -1.65
C GLN B 482 -7.27 36.58 -0.28
N PHE B 483 -6.17 36.85 0.40
CA PHE B 483 -6.24 37.58 1.66
C PHE B 483 -5.03 38.48 1.76
N SER B 484 -5.15 39.46 2.65
CA SER B 484 -4.05 40.32 3.03
C SER B 484 -3.90 40.27 4.53
N LEU B 485 -2.98 41.08 5.06
CA LEU B 485 -2.82 41.18 6.51
C LEU B 485 -3.80 42.21 7.05
N THR B 486 -5.07 41.87 6.86
CA THR B 486 -6.22 42.70 7.22
C THR B 486 -7.33 41.75 7.70
#